data_4RK2
#
_entry.id   4RK2
#
_cell.length_a   51.995
_cell.length_b   110.520
_cell.length_c   137.276
_cell.angle_alpha   90.00
_cell.angle_beta   90.00
_cell.angle_gamma   90.00
#
_symmetry.space_group_name_H-M   'P 21 21 21'
#
loop_
_entity.id
_entity.type
_entity.pdbx_description
1 polymer 'Putative sugar ABC transporter, substrate-binding protein'
2 non-polymer 'CHLORIDE ION'
3 non-polymer 'ACETATE ION'
4 water water
#
_entity_poly.entity_id   1
_entity_poly.type   'polypeptide(L)'
_entity_poly.pdbx_seq_one_letter_code
;SMALAQEAVTLKWALWDWDKTAYYKPLIEAYQAKHPNVKFEPMDLGSQDYQQMISTQLTGGSKDIDIVTIKDVPGYTNLV
RAGNIADLSGFVKDQKIDPAPYGGLIEELTIDGKIYSLPFRSDFWIVYYNKDIFDKAGVPYPTNDMTWAQFDETAEKLAG
GMGTNKTYGALLHTWRSTVQLPGILDGKHTLVDGDYAFLKPWYERALTLQKDGAIPSYAFLKTSNTHYSALFFNGTIGML
PMGTWFVGTQIAKVKSGESKSKNWGIVKFPHPDGVPAGTTAAQISGLAVNSNSQHKDAALDFIKFVAGPEGAAVVAATGT
FPALKTADVSAKIASTPGFPQDEASKEALIPAKAYLEMAVNPNAAKIEVVLNRAHDAIMTDNTSVDDGLKEMTEGVKAIK
;
_entity_poly.pdbx_strand_id   A,B
#
loop_
_chem_comp.id
_chem_comp.type
_chem_comp.name
_chem_comp.formula
ACT non-polymer 'ACETATE ION' 'C2 H3 O2 -1'
CL non-polymer 'CHLORIDE ION' 'Cl -1'
#
# COMPACT_ATOMS: atom_id res chain seq x y z
N ALA A 8 -31.15 -9.04 -21.74
CA ALA A 8 -31.02 -7.92 -22.71
C ALA A 8 -31.29 -6.56 -22.03
N VAL A 9 -30.26 -5.72 -21.85
CA VAL A 9 -30.41 -4.35 -21.28
C VAL A 9 -29.78 -3.29 -22.14
N THR A 10 -30.40 -2.11 -22.20
CA THR A 10 -29.74 -0.95 -22.82
C THR A 10 -29.35 -0.03 -21.68
N LEU A 11 -28.05 0.23 -21.55
CA LEU A 11 -27.51 1.18 -20.53
C LEU A 11 -27.30 2.51 -21.21
N LYS A 12 -27.90 3.56 -20.63
CA LYS A 12 -27.75 4.86 -21.16
C LYS A 12 -26.57 5.49 -20.40
N TRP A 13 -25.66 6.04 -21.16
CA TRP A 13 -24.39 6.56 -20.66
C TRP A 13 -24.25 8.02 -21.03
N ALA A 14 -24.44 8.89 -20.02
CA ALA A 14 -24.28 10.31 -20.14
C ALA A 14 -22.81 10.61 -20.13
N LEU A 15 -22.36 11.35 -21.12
CA LEU A 15 -20.96 11.62 -21.34
C LEU A 15 -20.86 12.90 -22.16
N TRP A 16 -19.64 13.27 -22.53
CA TRP A 16 -19.41 14.49 -23.29
C TRP A 16 -18.42 14.23 -24.42
N ASP A 17 -18.60 14.97 -25.51
CA ASP A 17 -17.65 15.02 -26.63
C ASP A 17 -17.43 13.62 -27.26
N TRP A 18 -18.51 12.97 -27.62
CA TRP A 18 -18.45 11.61 -28.17
C TRP A 18 -17.51 11.49 -29.37
N ASP A 19 -17.57 12.44 -30.29
CA ASP A 19 -16.84 12.38 -31.55
C ASP A 19 -15.32 12.62 -31.39
N LYS A 20 -14.92 13.38 -30.38
CA LYS A 20 -13.54 13.75 -30.13
C LYS A 20 -12.90 12.89 -29.04
N THR A 21 -13.65 11.98 -28.45
CA THR A 21 -13.15 11.21 -27.34
C THR A 21 -12.98 9.74 -27.75
N ALA A 22 -11.72 9.36 -28.01
CA ALA A 22 -11.46 8.10 -28.72
C ALA A 22 -11.74 6.84 -27.92
N TYR A 23 -11.87 6.93 -26.60
CA TYR A 23 -11.93 5.73 -25.80
C TYR A 23 -13.34 5.19 -25.55
N TYR A 24 -14.40 5.99 -25.76
CA TYR A 24 -15.75 5.53 -25.44
C TYR A 24 -16.11 4.30 -26.28
N LYS A 25 -15.92 4.42 -27.58
CA LYS A 25 -16.30 3.36 -28.49
C LYS A 25 -15.56 2.03 -28.21
N PRO A 26 -14.21 2.04 -28.14
CA PRO A 26 -13.58 0.74 -27.79
C PRO A 26 -13.90 0.20 -26.42
N LEU A 27 -14.16 1.08 -25.44
CA LEU A 27 -14.62 0.57 -24.18
C LEU A 27 -15.94 -0.20 -24.30
N ILE A 28 -16.88 0.37 -25.05
CA ILE A 28 -18.17 -0.26 -25.29
C ILE A 28 -17.99 -1.62 -26.03
N GLU A 29 -17.17 -1.61 -27.06
CA GLU A 29 -16.91 -2.80 -27.89
C GLU A 29 -16.18 -3.86 -27.09
N ALA A 30 -15.20 -3.48 -26.28
CA ALA A 30 -14.53 -4.45 -25.40
C ALA A 30 -15.47 -5.08 -24.37
N TYR A 31 -16.34 -4.28 -23.78
CA TYR A 31 -17.30 -4.81 -22.80
C TYR A 31 -18.36 -5.69 -23.46
N GLN A 32 -18.89 -5.23 -24.60
CA GLN A 32 -19.96 -5.92 -25.36
C GLN A 32 -19.43 -7.26 -25.86
N ALA A 33 -18.17 -7.29 -26.30
CA ALA A 33 -17.47 -8.57 -26.59
C ALA A 33 -17.58 -9.60 -25.50
N LYS A 34 -17.53 -9.20 -24.23
CA LYS A 34 -17.66 -10.15 -23.12
C LYS A 34 -19.08 -10.29 -22.57
N HIS A 35 -19.93 -9.31 -22.82
CA HIS A 35 -21.31 -9.29 -22.29
C HIS A 35 -22.23 -8.80 -23.39
N PRO A 36 -22.52 -9.66 -24.40
CA PRO A 36 -23.16 -9.21 -25.64
C PRO A 36 -24.64 -8.77 -25.47
N ASN A 37 -25.20 -9.15 -24.34
CA ASN A 37 -26.59 -8.81 -23.98
C ASN A 37 -26.77 -7.36 -23.51
N VAL A 38 -25.66 -6.73 -23.12
CA VAL A 38 -25.65 -5.30 -22.69
C VAL A 38 -25.37 -4.43 -23.89
N LYS A 39 -26.28 -3.54 -24.25
CA LYS A 39 -25.93 -2.54 -25.26
C LYS A 39 -26.00 -1.14 -24.67
N PHE A 40 -25.57 -0.14 -25.43
CA PHE A 40 -25.28 1.16 -24.87
C PHE A 40 -25.93 2.21 -25.72
N GLU A 41 -26.57 3.17 -25.07
CA GLU A 41 -26.88 4.37 -25.78
C GLU A 41 -26.11 5.48 -25.10
N PRO A 42 -25.03 5.94 -25.75
CA PRO A 42 -24.35 7.13 -25.33
C PRO A 42 -25.19 8.37 -25.52
N MET A 43 -25.32 9.14 -24.46
CA MET A 43 -26.09 10.39 -24.46
C MET A 43 -25.03 11.48 -24.32
N ASP A 44 -24.71 12.16 -25.41
CA ASP A 44 -23.71 13.25 -25.40
C ASP A 44 -24.31 14.60 -24.97
N LEU A 45 -23.99 15.07 -23.76
CA LEU A 45 -24.53 16.35 -23.24
C LEU A 45 -23.63 17.56 -23.44
N GLY A 46 -22.53 17.40 -24.19
CA GLY A 46 -21.62 18.51 -24.48
C GLY A 46 -20.71 18.79 -23.31
N SER A 47 -19.54 19.37 -23.59
CA SER A 47 -18.60 19.71 -22.54
C SER A 47 -18.85 21.11 -21.99
N GLN A 48 -19.44 22.07 -22.71
N GLN A 48 -19.48 21.91 -22.89
CA GLN A 48 -19.26 23.46 -22.32
CA GLN A 48 -20.24 23.08 -22.55
C GLN A 48 -19.79 23.73 -20.92
C GLN A 48 -21.26 22.75 -21.49
N ASP A 49 -20.90 23.09 -20.58
N ASP A 49 -20.91 23.18 -20.30
CA ASP A 49 -21.45 23.13 -19.19
CA ASP A 49 -21.81 23.12 -19.19
C ASP A 49 -22.15 21.82 -18.85
C ASP A 49 -22.30 21.70 -18.97
N TYR A 50 -21.37 20.76 -19.04
CA TYR A 50 -21.76 19.40 -18.75
C TYR A 50 -22.39 19.28 -17.38
N GLN A 51 -21.76 19.89 -16.38
CA GLN A 51 -22.23 19.80 -15.00
C GLN A 51 -23.72 20.16 -14.89
N GLN A 52 -24.13 21.27 -15.53
CA GLN A 52 -25.51 21.66 -15.51
C GLN A 52 -26.40 20.70 -16.26
N MET A 53 -25.93 20.30 -17.43
CA MET A 53 -26.71 19.44 -18.29
C MET A 53 -26.97 18.07 -17.62
N ILE A 54 -25.98 17.48 -16.93
CA ILE A 54 -26.22 16.17 -16.29
C ILE A 54 -27.10 16.34 -15.05
N SER A 55 -26.90 17.43 -14.30
CA SER A 55 -27.83 17.78 -13.22
C SER A 55 -29.29 17.83 -13.69
N THR A 56 -29.56 18.56 -14.78
CA THR A 56 -30.94 18.65 -15.35
C THR A 56 -31.49 17.28 -15.70
N GLN A 57 -30.66 16.49 -16.36
CA GLN A 57 -31.06 15.13 -16.75
C GLN A 57 -31.29 14.16 -15.58
N LEU A 58 -30.81 14.46 -14.36
CA LEU A 58 -31.02 13.57 -13.19
C LEU A 58 -32.14 14.04 -12.25
N THR A 59 -32.77 15.17 -12.61
CA THR A 59 -33.87 15.76 -11.80
C THR A 59 -35.13 14.93 -11.84
N GLY A 60 -35.98 15.20 -10.85
CA GLY A 60 -37.32 14.61 -10.79
C GLY A 60 -37.29 13.11 -10.64
N GLY A 61 -36.22 12.58 -10.08
CA GLY A 61 -36.10 11.14 -9.89
C GLY A 61 -35.91 10.36 -11.18
N SER A 62 -35.56 11.06 -12.26
CA SER A 62 -35.47 10.47 -13.58
C SER A 62 -34.54 9.26 -13.60
N LYS A 63 -34.94 8.22 -14.30
CA LYS A 63 -34.12 7.02 -14.34
C LYS A 63 -33.63 6.81 -15.77
N ASP A 64 -33.74 7.81 -16.63
CA ASP A 64 -33.44 7.65 -18.04
C ASP A 64 -31.95 7.27 -18.16
N ILE A 65 -31.11 7.88 -17.31
CA ILE A 65 -29.65 7.63 -17.32
C ILE A 65 -29.22 6.54 -16.36
N ASP A 66 -28.31 5.69 -16.81
CA ASP A 66 -27.72 4.70 -15.94
C ASP A 66 -26.30 5.07 -15.48
N ILE A 67 -25.42 5.28 -16.44
CA ILE A 67 -24.01 5.52 -16.18
C ILE A 67 -23.80 7.03 -16.31
N VAL A 68 -23.21 7.61 -15.26
CA VAL A 68 -22.95 9.05 -15.20
C VAL A 68 -21.42 9.25 -15.24
N THR A 69 -20.97 10.01 -16.23
CA THR A 69 -19.55 10.35 -16.32
C THR A 69 -19.38 11.63 -15.52
N ILE A 70 -18.26 11.74 -14.84
CA ILE A 70 -18.02 12.89 -13.97
C ILE A 70 -16.77 13.54 -14.53
N LYS A 71 -16.90 14.79 -14.92
CA LYS A 71 -15.85 15.49 -15.60
C LYS A 71 -14.64 15.86 -14.75
N ASP A 72 -14.87 16.22 -13.50
CA ASP A 72 -13.86 16.79 -12.64
C ASP A 72 -14.35 16.73 -11.20
N VAL A 73 -13.49 17.17 -10.29
CA VAL A 73 -13.86 17.12 -8.87
C VAL A 73 -15.08 18.01 -8.53
N PRO A 74 -15.19 19.24 -9.08
CA PRO A 74 -16.37 20.04 -8.75
C PRO A 74 -17.69 19.40 -9.22
N GLY A 75 -17.64 18.72 -10.38
CA GLY A 75 -18.78 17.96 -10.88
C GLY A 75 -19.17 16.82 -9.92
N TYR A 76 -18.16 16.15 -9.41
CA TYR A 76 -18.32 15.09 -8.41
C TYR A 76 -19.01 15.64 -7.18
N THR A 77 -18.48 16.74 -6.68
CA THR A 77 -18.97 17.37 -5.47
C THR A 77 -20.43 17.78 -5.64
N ASN A 78 -20.74 18.36 -6.79
CA ASN A 78 -22.11 18.76 -7.07
C ASN A 78 -23.09 17.59 -7.11
N LEU A 79 -22.69 16.51 -7.76
CA LEU A 79 -23.53 15.35 -7.87
C LEU A 79 -23.83 14.72 -6.52
N VAL A 80 -22.83 14.70 -5.67
CA VAL A 80 -22.96 14.12 -4.33
C VAL A 80 -23.86 15.02 -3.47
N ARG A 81 -23.63 16.34 -3.55
CA ARG A 81 -24.51 17.29 -2.85
C ARG A 81 -25.97 17.18 -3.26
N ALA A 82 -26.24 16.90 -4.54
CA ALA A 82 -27.59 16.80 -5.06
C ALA A 82 -28.19 15.42 -4.77
N GLY A 83 -27.37 14.50 -4.29
CA GLY A 83 -27.77 13.11 -4.06
C GLY A 83 -28.09 12.32 -5.32
N ASN A 84 -27.42 12.60 -6.44
CA ASN A 84 -27.78 12.07 -7.74
C ASN A 84 -27.10 10.74 -8.11
N ILE A 85 -26.03 10.41 -7.39
CA ILE A 85 -25.22 9.24 -7.62
C ILE A 85 -25.08 8.31 -6.41
N ALA A 86 -25.04 7.03 -6.73
CA ALA A 86 -25.03 5.95 -5.75
C ALA A 86 -23.71 5.84 -5.01
N ASP A 87 -23.80 5.65 -3.69
CA ASP A 87 -22.64 5.29 -2.86
C ASP A 87 -22.05 3.99 -3.39
N LEU A 88 -20.75 3.91 -3.60
CA LEU A 88 -20.15 2.69 -4.16
C LEU A 88 -19.32 1.95 -3.12
N SER A 89 -19.35 2.43 -1.89
CA SER A 89 -18.40 1.97 -0.87
C SER A 89 -18.48 0.47 -0.70
N GLY A 90 -19.70 -0.01 -0.50
CA GLY A 90 -19.94 -1.43 -0.27
C GLY A 90 -19.56 -2.31 -1.44
N PHE A 91 -19.91 -1.86 -2.64
CA PHE A 91 -19.51 -2.50 -3.88
C PHE A 91 -18.01 -2.64 -3.98
N VAL A 92 -17.29 -1.53 -3.76
CA VAL A 92 -15.81 -1.52 -3.89
C VAL A 92 -15.20 -2.53 -2.92
N LYS A 93 -15.67 -2.48 -1.68
CA LYS A 93 -15.20 -3.37 -0.60
C LYS A 93 -15.50 -4.84 -0.94
N ASP A 94 -16.75 -5.16 -1.25
CA ASP A 94 -17.11 -6.54 -1.65
C ASP A 94 -16.35 -7.08 -2.84
N GLN A 95 -16.11 -6.24 -3.84
CA GLN A 95 -15.38 -6.71 -4.99
C GLN A 95 -13.90 -6.80 -4.74
N LYS A 96 -13.48 -6.32 -3.56
CA LYS A 96 -12.07 -6.29 -3.18
C LYS A 96 -11.22 -5.56 -4.20
N ILE A 97 -11.70 -4.41 -4.63
CA ILE A 97 -10.95 -3.59 -5.57
C ILE A 97 -9.81 -2.88 -4.83
N ASP A 98 -8.58 -3.19 -5.23
CA ASP A 98 -7.41 -2.69 -4.53
C ASP A 98 -7.25 -1.20 -4.88
N PRO A 99 -7.26 -0.32 -3.88
CA PRO A 99 -7.11 1.12 -4.18
C PRO A 99 -5.66 1.53 -4.44
N ALA A 100 -4.69 0.70 -4.07
CA ALA A 100 -3.28 1.13 -4.13
C ALA A 100 -2.84 1.63 -5.53
N PRO A 101 -3.25 0.96 -6.62
CA PRO A 101 -2.74 1.49 -7.90
C PRO A 101 -3.39 2.77 -8.42
N TYR A 102 -4.36 3.31 -7.69
CA TYR A 102 -4.93 4.63 -7.99
C TYR A 102 -4.15 5.75 -7.29
N GLY A 103 -3.12 5.39 -6.51
CA GLY A 103 -2.15 6.36 -5.98
C GLY A 103 -2.65 7.33 -4.92
N GLY A 104 -3.73 6.98 -4.25
CA GLY A 104 -4.36 7.85 -3.29
C GLY A 104 -5.69 8.49 -3.71
N LEU A 105 -6.02 8.40 -5.00
CA LEU A 105 -7.23 9.02 -5.52
C LEU A 105 -8.52 8.43 -4.90
N ILE A 106 -8.53 7.15 -4.55
CA ILE A 106 -9.75 6.62 -3.95
C ILE A 106 -10.08 7.36 -2.65
N GLU A 107 -9.06 7.50 -1.82
CA GLU A 107 -9.19 8.15 -0.55
C GLU A 107 -9.52 9.65 -0.75
N GLU A 108 -8.84 10.28 -1.71
CA GLU A 108 -9.12 11.69 -2.05
C GLU A 108 -10.61 11.91 -2.38
N LEU A 109 -11.24 10.92 -3.02
CA LEU A 109 -12.65 11.02 -3.45
C LEU A 109 -13.63 10.48 -2.41
N THR A 110 -13.14 10.06 -1.25
CA THR A 110 -14.00 9.58 -0.20
C THR A 110 -14.45 10.76 0.67
N ILE A 111 -15.76 10.90 0.82
CA ILE A 111 -16.40 12.02 1.50
C ILE A 111 -17.15 11.40 2.67
N ASP A 112 -16.71 11.70 3.89
CA ASP A 112 -17.26 11.07 5.11
C ASP A 112 -17.41 9.57 5.00
N GLY A 113 -16.34 8.89 4.61
CA GLY A 113 -16.34 7.45 4.51
C GLY A 113 -17.02 6.86 3.29
N LYS A 114 -17.55 7.71 2.41
CA LYS A 114 -18.29 7.20 1.30
C LYS A 114 -17.67 7.66 -0.04
N ILE A 115 -17.60 6.72 -0.96
CA ILE A 115 -17.14 6.98 -2.34
C ILE A 115 -18.22 6.74 -3.36
N TYR A 116 -18.39 7.71 -4.24
CA TYR A 116 -19.49 7.67 -5.18
C TYR A 116 -19.08 7.63 -6.64
N SER A 117 -17.78 7.52 -6.91
CA SER A 117 -17.33 7.36 -8.24
C SER A 117 -16.04 6.56 -8.30
N LEU A 118 -15.88 5.83 -9.37
CA LEU A 118 -14.61 5.14 -9.64
C LEU A 118 -13.89 5.94 -10.69
N PRO A 119 -12.67 6.44 -10.37
CA PRO A 119 -11.94 7.19 -11.40
C PRO A 119 -11.46 6.29 -12.51
N PHE A 120 -11.60 6.73 -13.75
CA PHE A 120 -11.09 5.95 -14.90
C PHE A 120 -10.02 6.66 -15.74
N ARG A 121 -9.86 7.98 -15.58
CA ARG A 121 -8.72 8.65 -16.17
CA ARG A 121 -8.93 8.87 -16.27
C ARG A 121 -8.20 9.65 -15.14
N SER A 122 -6.88 9.80 -15.13
CA SER A 122 -6.23 10.74 -14.20
C SER A 122 -4.88 11.16 -14.77
N ASP A 123 -4.72 12.45 -15.01
CA ASP A 123 -3.45 13.00 -15.41
C ASP A 123 -2.80 13.62 -14.19
N PHE A 124 -1.48 13.52 -14.13
CA PHE A 124 -0.75 13.99 -12.96
C PHE A 124 0.41 14.83 -13.49
N TRP A 125 1.04 15.53 -12.58
CA TRP A 125 2.13 16.46 -12.96
C TRP A 125 3.54 15.76 -13.00
N ILE A 126 4.27 16.08 -14.07
CA ILE A 126 5.62 15.58 -14.32
C ILE A 126 6.41 16.76 -14.89
N VAL A 127 7.63 16.50 -15.29
CA VAL A 127 8.46 17.46 -15.98
C VAL A 127 8.89 16.86 -17.30
N TYR A 128 8.66 17.63 -18.34
CA TYR A 128 9.12 17.37 -19.66
C TYR A 128 10.42 18.15 -19.89
N TYR A 129 11.36 17.56 -20.61
CA TYR A 129 12.62 18.26 -20.87
C TYR A 129 13.11 18.00 -22.29
N ASN A 130 13.86 18.97 -22.81
CA ASN A 130 14.39 18.92 -24.15
C ASN A 130 15.86 18.48 -24.11
N LYS A 131 16.13 17.24 -24.52
CA LYS A 131 17.51 16.68 -24.49
C LYS A 131 18.55 17.48 -25.30
N ASP A 132 18.11 18.15 -26.38
CA ASP A 132 19.02 18.96 -27.21
C ASP A 132 19.57 20.12 -26.40
N ILE A 133 18.76 20.74 -25.56
CA ILE A 133 19.20 21.85 -24.75
C ILE A 133 20.16 21.42 -23.62
N PHE A 134 19.91 20.28 -23.02
CA PHE A 134 20.83 19.72 -22.03
C PHE A 134 22.18 19.34 -22.68
N ASP A 135 22.09 18.65 -23.82
CA ASP A 135 23.28 18.18 -24.58
C ASP A 135 24.15 19.32 -24.99
N LYS A 136 23.55 20.30 -25.66
CA LYS A 136 24.26 21.52 -26.03
C LYS A 136 24.94 22.18 -24.85
N ALA A 137 24.28 22.30 -23.70
CA ALA A 137 24.94 22.92 -22.53
C ALA A 137 25.87 21.99 -21.71
N GLY A 138 25.97 20.72 -22.10
CA GLY A 138 26.71 19.74 -21.32
C GLY A 138 26.20 19.52 -19.91
N VAL A 139 24.89 19.72 -19.70
CA VAL A 139 24.28 19.47 -18.40
C VAL A 139 23.61 18.08 -18.46
N PRO A 140 23.81 17.24 -17.44
CA PRO A 140 23.16 15.93 -17.58
C PRO A 140 21.62 16.08 -17.48
N TYR A 141 20.93 15.19 -18.18
CA TYR A 141 19.46 15.14 -18.14
C TYR A 141 18.93 15.08 -16.68
N PRO A 142 17.74 15.66 -16.44
CA PRO A 142 17.14 15.58 -15.14
C PRO A 142 16.96 14.12 -14.72
N THR A 143 16.95 13.87 -13.40
CA THR A 143 16.71 12.54 -12.87
C THR A 143 15.30 12.43 -12.30
N ASN A 144 14.89 11.22 -11.92
CA ASN A 144 13.61 11.02 -11.24
C ASN A 144 13.67 11.29 -9.74
N ASP A 145 14.72 11.94 -9.28
CA ASP A 145 14.78 12.41 -7.91
C ASP A 145 15.46 13.77 -7.91
N MET A 146 14.61 14.79 -8.01
CA MET A 146 15.00 16.20 -8.03
C MET A 146 14.20 16.89 -6.97
N THR A 147 14.86 17.73 -6.19
CA THR A 147 14.18 18.69 -5.37
C THR A 147 13.83 19.91 -6.26
N TRP A 148 12.98 20.80 -5.76
CA TRP A 148 12.67 22.03 -6.49
C TRP A 148 13.87 22.95 -6.48
N ALA A 149 14.70 22.90 -5.45
CA ALA A 149 15.93 23.67 -5.46
C ALA A 149 16.88 23.21 -6.56
N GLN A 150 17.00 21.90 -6.75
CA GLN A 150 17.76 21.35 -7.83
C GLN A 150 17.20 21.71 -9.20
N PHE A 151 15.89 21.63 -9.32
CA PHE A 151 15.23 21.99 -10.57
C PHE A 151 15.61 23.43 -10.92
N ASP A 152 15.51 24.32 -9.96
CA ASP A 152 15.79 25.77 -10.20
C ASP A 152 17.27 26.02 -10.53
N GLU A 153 18.17 25.34 -9.84
CA GLU A 153 19.60 25.36 -10.22
C GLU A 153 19.88 24.97 -11.67
N THR A 154 19.23 23.89 -12.14
CA THR A 154 19.35 23.44 -13.49
C THR A 154 18.72 24.44 -14.44
N ALA A 155 17.57 25.02 -14.06
CA ALA A 155 16.90 25.97 -14.97
C ALA A 155 17.84 27.17 -15.16
N GLU A 156 18.39 27.63 -14.07
CA GLU A 156 19.28 28.77 -14.10
C GLU A 156 20.54 28.50 -14.96
N LYS A 157 21.11 27.29 -14.91
CA LYS A 157 22.29 26.94 -15.70
C LYS A 157 21.98 26.86 -17.19
N LEU A 158 20.79 26.40 -17.52
CA LEU A 158 20.38 26.21 -18.92
C LEU A 158 20.01 27.55 -19.54
N ALA A 159 19.62 28.52 -18.73
CA ALA A 159 19.12 29.78 -19.29
C ALA A 159 20.35 30.59 -19.74
N GLY A 160 20.31 31.06 -20.97
CA GLY A 160 21.34 31.95 -21.44
C GLY A 160 21.35 32.04 -22.91
N GLY A 161 22.51 32.35 -23.45
CA GLY A 161 22.70 32.45 -24.88
C GLY A 161 22.25 33.80 -25.38
N MET A 162 22.73 34.11 -26.58
CA MET A 162 22.29 35.28 -27.33
C MET A 162 21.67 34.74 -28.61
N GLY A 163 20.71 35.46 -29.19
CA GLY A 163 20.16 35.13 -30.52
C GLY A 163 19.43 33.78 -30.62
N THR A 164 19.82 32.97 -31.62
CA THR A 164 19.35 31.57 -31.78
C THR A 164 19.66 30.72 -30.55
N ASN A 165 20.77 31.04 -29.88
CA ASN A 165 21.19 30.39 -28.62
C ASN A 165 20.28 30.71 -27.44
N LYS A 166 19.45 31.75 -27.56
CA LYS A 166 18.58 32.23 -26.46
C LYS A 166 17.58 31.15 -26.00
N THR A 167 17.82 30.71 -24.77
CA THR A 167 17.05 29.61 -24.19
CA THR A 167 17.15 29.58 -24.17
C THR A 167 16.65 29.99 -22.79
N TYR A 168 15.51 29.46 -22.36
CA TYR A 168 15.01 29.64 -21.03
C TYR A 168 15.23 28.22 -20.42
N GLY A 169 15.57 28.17 -19.15
CA GLY A 169 15.83 26.90 -18.50
C GLY A 169 14.55 26.14 -18.23
N ALA A 170 13.48 26.90 -18.03
CA ALA A 170 12.18 26.32 -17.74
C ALA A 170 11.06 27.28 -18.16
N LEU A 171 9.84 26.78 -18.11
CA LEU A 171 8.65 27.61 -18.36
C LEU A 171 7.61 27.24 -17.31
N LEU A 172 7.23 28.20 -16.48
CA LEU A 172 6.10 28.09 -15.55
C LEU A 172 4.88 28.76 -16.18
N HIS A 173 3.88 27.94 -16.53
CA HIS A 173 2.73 28.43 -17.24
C HIS A 173 1.94 29.36 -16.31
N THR A 174 1.04 30.17 -16.87
CA THR A 174 0.36 31.22 -16.13
C THR A 174 -0.67 30.74 -15.14
N TRP A 175 -1.05 29.45 -15.19
CA TRP A 175 -1.97 28.94 -14.19
C TRP A 175 -1.29 29.06 -12.83
N ARG A 176 -2.06 29.40 -11.82
CA ARG A 176 -1.54 29.43 -10.48
C ARG A 176 -0.93 28.12 -10.08
N SER A 177 -1.39 27.02 -10.66
CA SER A 177 -0.96 25.70 -10.22
C SER A 177 0.54 25.41 -10.42
N THR A 178 1.16 26.06 -11.42
CA THR A 178 2.55 25.80 -11.70
C THR A 178 3.45 26.28 -10.57
N VAL A 179 2.98 27.28 -9.83
CA VAL A 179 3.69 27.83 -8.66
C VAL A 179 3.18 27.21 -7.36
N GLN A 180 1.86 27.00 -7.27
CA GLN A 180 1.24 26.58 -6.01
C GLN A 180 1.30 25.09 -5.74
N LEU A 181 1.17 24.26 -6.76
CA LEU A 181 1.12 22.80 -6.52
C LEU A 181 2.33 22.24 -5.77
N PRO A 182 3.53 22.71 -6.07
CA PRO A 182 4.65 22.18 -5.28
C PRO A 182 4.45 22.33 -3.76
N GLY A 183 3.65 23.32 -3.37
CA GLY A 183 3.34 23.63 -1.97
C GLY A 183 2.36 22.72 -1.25
N ILE A 184 1.69 21.82 -1.96
CA ILE A 184 0.80 20.81 -1.31
C ILE A 184 1.41 19.42 -1.27
N LEU A 185 2.56 19.25 -1.87
CA LEU A 185 3.15 17.95 -2.09
C LEU A 185 3.60 17.29 -0.79
N ASP A 186 3.85 18.08 0.25
CA ASP A 186 4.17 17.51 1.57
C ASP A 186 2.97 17.04 2.41
N GLY A 187 1.75 17.24 1.92
CA GLY A 187 0.54 16.73 2.59
C GLY A 187 0.03 17.57 3.74
N LYS A 188 0.76 18.65 4.08
CA LYS A 188 0.50 19.45 5.28
C LYS A 188 -0.54 20.53 5.07
N HIS A 189 -0.70 20.95 3.82
CA HIS A 189 -1.74 21.91 3.45
C HIS A 189 -2.41 21.55 2.11
N THR A 190 -3.66 22.01 1.95
CA THR A 190 -4.39 21.92 0.70
C THR A 190 -4.69 23.36 0.30
N LEU A 191 -5.17 23.53 -0.93
CA LEU A 191 -5.39 24.89 -1.45
C LEU A 191 -6.84 25.34 -1.29
N VAL A 192 -7.64 24.59 -0.54
CA VAL A 192 -9.05 24.95 -0.31
C VAL A 192 -9.34 25.51 1.09
N ASP A 193 -8.47 25.25 2.07
N ASP A 193 -8.43 25.28 2.04
CA ASP A 193 -8.74 25.55 3.49
CA ASP A 193 -8.66 25.51 3.46
C ASP A 193 -7.73 26.50 4.09
C ASP A 193 -8.14 26.86 3.93
N GLY A 194 -8.21 27.41 4.92
N GLY A 194 -7.66 26.90 5.17
CA GLY A 194 -7.36 28.11 5.88
CA GLY A 194 -7.39 28.15 5.88
C GLY A 194 -6.31 29.09 5.38
C GLY A 194 -6.29 29.06 5.36
N ASP A 195 -5.12 29.00 5.98
CA ASP A 195 -4.06 30.01 5.81
C ASP A 195 -3.11 29.69 4.63
N TYR A 196 -3.00 30.63 3.69
CA TYR A 196 -2.13 30.43 2.52
C TYR A 196 -0.66 30.85 2.73
N ALA A 197 -0.31 31.26 3.94
CA ALA A 197 1.07 31.63 4.26
C ALA A 197 2.09 30.59 3.84
N PHE A 198 1.72 29.31 3.88
CA PHE A 198 2.62 28.21 3.51
C PHE A 198 3.18 28.35 2.08
N LEU A 199 2.47 29.10 1.22
CA LEU A 199 2.90 29.28 -0.17
C LEU A 199 4.08 30.24 -0.36
N LYS A 200 4.52 30.89 0.73
CA LYS A 200 5.51 31.95 0.64
C LYS A 200 6.80 31.53 -0.08
N PRO A 201 7.48 30.47 0.37
CA PRO A 201 8.71 30.10 -0.36
C PRO A 201 8.47 29.66 -1.81
N TRP A 202 7.29 29.09 -2.04
CA TRP A 202 6.88 28.64 -3.37
C TRP A 202 6.75 29.83 -4.30
N TYR A 203 6.15 30.94 -3.82
CA TYR A 203 6.16 32.15 -4.65
C TYR A 203 7.56 32.75 -4.83
N GLU A 204 8.37 32.67 -3.78
CA GLU A 204 9.70 33.31 -3.83
CA GLU A 204 9.66 33.36 -3.86
C GLU A 204 10.59 32.69 -4.90
N ARG A 205 10.56 31.36 -5.00
CA ARG A 205 11.38 30.66 -5.98
C ARG A 205 10.93 30.98 -7.42
N ALA A 206 9.61 31.11 -7.62
CA ALA A 206 9.09 31.41 -8.94
C ALA A 206 9.43 32.86 -9.33
N LEU A 207 9.33 33.76 -8.38
CA LEU A 207 9.62 35.17 -8.65
C LEU A 207 11.11 35.36 -8.94
N THR A 208 11.95 34.57 -8.27
CA THR A 208 13.39 34.59 -8.52
C THR A 208 13.72 34.12 -9.91
N LEU A 209 13.16 33.00 -10.34
CA LEU A 209 13.38 32.54 -11.70
C LEU A 209 13.02 33.57 -12.74
N GLN A 210 11.89 34.23 -12.50
CA GLN A 210 11.38 35.23 -13.43
C GLN A 210 12.24 36.50 -13.50
N LYS A 211 12.59 37.01 -12.33
CA LYS A 211 13.45 38.21 -12.22
C LYS A 211 14.83 37.95 -12.88
N ASP A 212 15.30 36.70 -12.84
CA ASP A 212 16.60 36.34 -13.42
C ASP A 212 16.52 36.01 -14.93
N GLY A 213 15.32 35.99 -15.52
CA GLY A 213 15.16 35.61 -16.92
C GLY A 213 15.39 34.14 -17.24
N ALA A 214 15.38 33.28 -16.23
CA ALA A 214 15.52 31.83 -16.44
C ALA A 214 14.26 31.20 -17.02
N ILE A 215 13.13 31.85 -16.81
CA ILE A 215 11.84 31.44 -17.39
C ILE A 215 11.17 32.65 -18.03
N PRO A 216 10.24 32.41 -18.97
CA PRO A 216 9.48 33.56 -19.49
C PRO A 216 8.68 34.24 -18.39
N SER A 217 8.56 35.57 -18.47
CA SER A 217 7.87 36.32 -17.45
C SER A 217 6.38 36.08 -17.52
N TYR A 218 5.72 36.07 -16.37
CA TYR A 218 4.27 35.95 -16.30
C TYR A 218 3.57 37.05 -17.09
N ALA A 219 4.04 38.29 -16.98
CA ALA A 219 3.37 39.38 -17.68
C ALA A 219 3.42 39.19 -19.17
N PHE A 220 4.55 38.72 -19.69
CA PHE A 220 4.67 38.53 -21.13
C PHE A 220 3.76 37.40 -21.60
N LEU A 221 3.72 36.29 -20.84
CA LEU A 221 2.82 35.19 -21.17
C LEU A 221 1.37 35.63 -21.14
N LYS A 222 0.98 36.48 -20.18
CA LYS A 222 -0.41 37.01 -20.12
C LYS A 222 -0.75 37.97 -21.23
N THR A 223 0.14 38.90 -21.54
CA THR A 223 -0.22 39.89 -22.57
C THR A 223 -0.21 39.23 -23.94
N SER A 224 0.72 38.28 -24.15
CA SER A 224 0.92 37.65 -25.47
C SER A 224 -0.03 36.46 -25.65
N ASN A 225 -0.54 35.95 -24.54
CA ASN A 225 -1.38 34.79 -24.51
C ASN A 225 -0.71 33.55 -25.09
N THR A 226 0.58 33.43 -24.83
CA THR A 226 1.40 32.39 -25.46
C THR A 226 1.19 31.11 -24.68
N HIS A 227 0.68 30.10 -25.39
CA HIS A 227 0.44 28.81 -24.77
C HIS A 227 1.76 28.10 -24.50
N TYR A 228 1.90 27.38 -23.36
CA TYR A 228 3.17 26.75 -23.00
C TYR A 228 3.66 25.82 -24.07
N SER A 229 2.74 25.18 -24.77
CA SER A 229 3.16 24.30 -25.84
C SER A 229 3.98 25.01 -26.93
N ALA A 230 3.57 26.20 -27.35
CA ALA A 230 4.25 26.88 -28.44
C ALA A 230 5.72 27.09 -28.18
N LEU A 231 6.06 27.45 -26.95
CA LEU A 231 7.45 27.67 -26.65
C LEU A 231 8.23 26.36 -26.50
N PHE A 232 7.64 25.37 -25.87
CA PHE A 232 8.30 24.08 -25.79
C PHE A 232 8.49 23.50 -27.19
N PHE A 233 7.46 23.61 -28.02
CA PHE A 233 7.57 23.19 -29.44
C PHE A 233 8.68 23.93 -30.22
N ASN A 234 8.92 25.18 -29.85
CA ASN A 234 9.95 26.03 -30.51
C ASN A 234 11.36 25.57 -30.22
N GLY A 235 11.50 24.72 -29.20
CA GLY A 235 12.80 24.23 -28.78
C GLY A 235 13.62 25.18 -27.96
N THR A 236 13.01 26.14 -27.27
CA THR A 236 13.75 27.11 -26.45
C THR A 236 13.55 26.98 -24.95
N ILE A 237 12.88 25.90 -24.52
CA ILE A 237 12.58 25.68 -23.12
C ILE A 237 13.24 24.37 -22.67
N GLY A 238 14.09 24.46 -21.67
CA GLY A 238 14.81 23.26 -21.16
C GLY A 238 13.84 22.28 -20.47
N MET A 239 13.01 22.82 -19.59
CA MET A 239 12.18 22.02 -18.70
C MET A 239 10.80 22.64 -18.55
N LEU A 240 9.79 21.78 -18.62
CA LEU A 240 8.39 22.17 -18.52
C LEU A 240 7.66 21.31 -17.49
N PRO A 241 7.42 21.85 -16.30
CA PRO A 241 6.43 21.19 -15.42
C PRO A 241 5.02 21.28 -16.01
N MET A 242 4.34 20.15 -16.19
CA MET A 242 3.03 20.12 -16.87
C MET A 242 2.38 18.76 -16.59
N GLY A 243 1.05 18.70 -16.71
CA GLY A 243 0.34 17.45 -16.68
C GLY A 243 0.71 16.47 -17.74
N THR A 244 0.40 15.19 -17.45
CA THR A 244 0.62 14.11 -18.37
C THR A 244 -0.20 14.20 -19.68
N TRP A 245 -1.23 15.04 -19.76
CA TRP A 245 -1.95 15.24 -21.03
C TRP A 245 -1.04 15.67 -22.17
N PHE A 246 0.06 16.35 -21.84
CA PHE A 246 0.99 16.86 -22.84
C PHE A 246 1.83 15.76 -23.49
N VAL A 247 1.89 14.58 -22.89
CA VAL A 247 2.58 13.44 -23.54
C VAL A 247 2.05 13.17 -24.91
N GLY A 248 0.73 12.95 -25.03
CA GLY A 248 0.17 12.57 -26.35
C GLY A 248 0.32 13.72 -27.34
N THR A 249 0.14 14.95 -26.85
CA THR A 249 0.30 16.16 -27.68
C THR A 249 1.70 16.29 -28.25
N GLN A 250 2.70 16.19 -27.38
CA GLN A 250 4.09 16.24 -27.82
C GLN A 250 4.38 15.10 -28.82
N ILE A 251 3.88 13.88 -28.55
CA ILE A 251 4.04 12.79 -29.50
C ILE A 251 3.51 13.15 -30.86
N ALA A 252 2.28 13.59 -30.89
CA ALA A 252 1.61 13.93 -32.14
C ALA A 252 2.33 15.05 -32.89
N LYS A 253 2.72 16.10 -32.17
CA LYS A 253 3.32 17.24 -32.81
C LYS A 253 4.78 17.04 -33.26
N VAL A 254 5.50 16.17 -32.58
CA VAL A 254 6.83 15.77 -33.06
C VAL A 254 6.60 14.98 -34.35
N LYS A 255 5.64 14.07 -34.36
CA LYS A 255 5.34 13.34 -35.62
C LYS A 255 5.00 14.27 -36.81
N SER A 256 4.25 15.35 -36.56
CA SER A 256 3.82 16.24 -37.62
C SER A 256 4.89 17.25 -37.98
N GLY A 257 5.91 17.37 -37.14
CA GLY A 257 6.92 18.39 -37.37
C GLY A 257 6.61 19.75 -36.73
N GLU A 258 5.42 19.94 -36.18
CA GLU A 258 5.08 21.21 -35.51
C GLU A 258 5.91 21.41 -34.21
N SER A 259 6.27 20.32 -33.53
CA SER A 259 7.21 20.38 -32.40
C SER A 259 8.61 20.05 -32.87
N LYS A 260 9.51 20.99 -32.64
CA LYS A 260 10.91 20.84 -32.97
C LYS A 260 11.72 20.23 -31.82
N SER A 261 11.12 20.06 -30.65
CA SER A 261 11.79 19.39 -29.54
C SER A 261 11.62 17.86 -29.63
N LYS A 262 12.17 17.31 -30.71
CA LYS A 262 12.02 15.91 -31.03
C LYS A 262 12.87 14.99 -30.15
N ASN A 263 13.89 15.51 -29.48
CA ASN A 263 14.63 14.70 -28.49
C ASN A 263 14.25 15.18 -27.11
N TRP A 264 13.37 14.39 -26.50
CA TRP A 264 12.75 14.78 -25.26
C TRP A 264 12.58 13.60 -24.33
N GLY A 265 12.33 13.90 -23.07
CA GLY A 265 11.98 12.88 -22.09
C GLY A 265 11.12 13.47 -21.01
N ILE A 266 10.73 12.60 -20.10
CA ILE A 266 10.05 13.01 -18.91
C ILE A 266 10.71 12.46 -17.66
N VAL A 267 10.50 13.16 -16.57
CA VAL A 267 10.81 12.69 -15.24
C VAL A 267 9.69 12.99 -14.25
N LYS A 268 9.82 12.40 -13.08
CA LYS A 268 8.91 12.63 -12.00
C LYS A 268 8.90 14.07 -11.60
N PHE A 269 7.75 14.50 -11.10
CA PHE A 269 7.59 15.83 -10.55
C PHE A 269 8.67 16.03 -9.47
N PRO A 270 9.37 17.17 -9.50
CA PRO A 270 10.28 17.39 -8.38
C PRO A 270 9.53 17.45 -7.05
N HIS A 271 10.24 17.10 -5.99
CA HIS A 271 9.68 17.01 -4.67
C HIS A 271 10.32 18.04 -3.74
N PRO A 272 9.54 18.55 -2.79
CA PRO A 272 10.15 19.36 -1.76
C PRO A 272 11.06 18.47 -0.92
N ASP A 273 12.00 19.09 -0.24
CA ASP A 273 12.84 18.33 0.74
C ASP A 273 11.99 17.42 1.62
N GLY A 274 12.39 16.16 1.72
CA GLY A 274 11.74 15.21 2.65
C GLY A 274 10.45 14.57 2.19
N VAL A 275 10.06 14.84 0.94
CA VAL A 275 8.90 14.21 0.34
C VAL A 275 9.40 13.19 -0.69
N PRO A 276 8.80 12.01 -0.71
CA PRO A 276 9.31 11.02 -1.67
C PRO A 276 9.16 11.46 -3.13
N ALA A 277 10.20 11.25 -3.93
CA ALA A 277 10.10 11.50 -5.36
C ALA A 277 8.93 10.75 -5.94
N GLY A 278 8.27 11.39 -6.90
CA GLY A 278 7.12 10.82 -7.52
C GLY A 278 5.83 11.14 -6.76
N THR A 279 5.91 12.02 -5.75
CA THR A 279 4.74 12.57 -5.12
C THR A 279 4.22 13.77 -5.97
N THR A 280 2.94 13.78 -6.31
CA THR A 280 2.47 14.70 -7.36
C THR A 280 1.01 15.12 -7.15
N ALA A 281 0.45 15.88 -8.10
CA ALA A 281 -0.92 16.32 -8.05
C ALA A 281 -1.61 15.83 -9.31
N ALA A 282 -2.92 15.75 -9.24
CA ALA A 282 -3.68 15.08 -10.30
C ALA A 282 -5.08 15.67 -10.52
N GLN A 283 -5.56 15.46 -11.73
CA GLN A 283 -6.96 15.76 -12.11
C GLN A 283 -7.58 14.42 -12.51
N ILE A 284 -8.90 14.30 -12.37
CA ILE A 284 -9.56 13.02 -12.61
C ILE A 284 -10.82 13.17 -13.44
N SER A 285 -11.18 12.07 -14.12
CA SER A 285 -12.59 11.87 -14.50
C SER A 285 -13.04 10.54 -13.95
N GLY A 286 -14.32 10.43 -13.67
CA GLY A 286 -14.82 9.24 -13.01
C GLY A 286 -16.11 8.78 -13.62
N LEU A 287 -16.50 7.56 -13.23
CA LEU A 287 -17.79 7.02 -13.54
C LEU A 287 -18.60 6.78 -12.29
N ALA A 288 -19.91 6.88 -12.48
CA ALA A 288 -20.82 6.73 -11.40
C ALA A 288 -22.13 6.13 -11.89
N VAL A 289 -22.97 5.77 -10.94
CA VAL A 289 -24.27 5.21 -11.26
C VAL A 289 -25.37 6.13 -10.74
N ASN A 290 -26.28 6.46 -11.63
CA ASN A 290 -27.50 7.23 -11.23
C ASN A 290 -28.17 6.55 -10.08
N SER A 291 -28.44 7.30 -9.01
CA SER A 291 -29.09 6.78 -7.81
C SER A 291 -30.42 6.10 -8.16
N ASN A 292 -31.06 6.60 -9.20
CA ASN A 292 -32.37 6.14 -9.67
C ASN A 292 -32.32 5.22 -10.90
N SER A 293 -31.14 4.74 -11.28
CA SER A 293 -31.04 3.71 -12.29
C SER A 293 -31.82 2.45 -11.87
N GLN A 294 -32.46 1.85 -12.87
CA GLN A 294 -33.14 0.57 -12.73
C GLN A 294 -32.22 -0.61 -13.07
N HIS A 295 -31.00 -0.31 -13.50
CA HIS A 295 -30.04 -1.36 -13.91
C HIS A 295 -28.73 -1.23 -13.16
N LYS A 296 -28.83 -1.14 -11.86
CA LYS A 296 -27.69 -0.89 -11.01
C LYS A 296 -26.65 -1.99 -11.15
N ASP A 297 -27.07 -3.26 -11.11
CA ASP A 297 -26.12 -4.35 -11.34
C ASP A 297 -25.28 -4.21 -12.61
N ALA A 298 -25.94 -4.04 -13.74
CA ALA A 298 -25.26 -3.95 -15.01
C ALA A 298 -24.37 -2.70 -15.04
N ALA A 299 -24.91 -1.54 -14.64
CA ALA A 299 -24.10 -0.31 -14.56
C ALA A 299 -22.85 -0.46 -13.67
N LEU A 300 -22.98 -1.04 -12.49
CA LEU A 300 -21.86 -1.23 -11.59
C LEU A 300 -20.77 -2.09 -12.24
N ASP A 301 -21.17 -3.16 -12.92
CA ASP A 301 -20.19 -4.03 -13.62
C ASP A 301 -19.44 -3.29 -14.71
N PHE A 302 -20.13 -2.43 -15.44
CA PHE A 302 -19.51 -1.72 -16.50
C PHE A 302 -18.56 -0.71 -15.90
N ILE A 303 -18.98 -0.01 -14.84
CA ILE A 303 -18.08 1.04 -14.35
C ILE A 303 -16.83 0.44 -13.70
N LYS A 304 -16.97 -0.73 -13.06
CA LYS A 304 -15.85 -1.49 -12.55
C LYS A 304 -14.86 -1.88 -13.66
N PHE A 305 -15.39 -2.45 -14.74
CA PHE A 305 -14.60 -2.77 -15.91
C PHE A 305 -13.81 -1.56 -16.41
N VAL A 306 -14.49 -0.42 -16.60
CA VAL A 306 -13.84 0.76 -17.20
C VAL A 306 -12.68 1.28 -16.33
N ALA A 307 -12.90 1.30 -15.01
CA ALA A 307 -11.95 1.86 -14.09
C ALA A 307 -10.84 0.87 -13.73
N GLY A 308 -11.07 -0.40 -14.02
CA GLY A 308 -10.12 -1.45 -13.65
C GLY A 308 -9.14 -1.70 -14.77
N PRO A 309 -8.33 -2.78 -14.65
CA PRO A 309 -7.22 -3.05 -15.57
C PRO A 309 -7.58 -3.21 -17.00
N GLU A 310 -8.70 -3.84 -17.29
CA GLU A 310 -9.09 -4.00 -18.65
C GLU A 310 -9.47 -2.67 -19.32
N GLY A 311 -10.27 -1.84 -18.65
CA GLY A 311 -10.62 -0.56 -19.19
C GLY A 311 -9.39 0.36 -19.30
N ALA A 312 -8.52 0.28 -18.30
CA ALA A 312 -7.25 1.05 -18.22
C ALA A 312 -6.39 0.77 -19.43
N ALA A 313 -6.29 -0.49 -19.83
CA ALA A 313 -5.59 -0.83 -21.08
C ALA A 313 -6.19 -0.19 -22.30
N VAL A 314 -7.52 -0.20 -22.39
CA VAL A 314 -8.20 0.43 -23.53
C VAL A 314 -7.97 1.96 -23.56
N VAL A 315 -8.09 2.57 -22.38
CA VAL A 315 -7.89 4.01 -22.27
C VAL A 315 -6.49 4.38 -22.69
N ALA A 316 -5.54 3.67 -22.11
CA ALA A 316 -4.11 3.88 -22.40
C ALA A 316 -3.77 3.70 -23.88
N ALA A 317 -4.35 2.68 -24.53
CA ALA A 317 -4.14 2.50 -25.99
C ALA A 317 -4.60 3.68 -26.86
N THR A 318 -5.50 4.53 -26.35
CA THR A 318 -5.85 5.76 -27.06
C THR A 318 -4.92 6.97 -26.76
N GLY A 319 -3.90 6.78 -25.93
CA GLY A 319 -2.98 7.87 -25.55
C GLY A 319 -3.51 8.77 -24.44
N THR A 320 -4.46 8.26 -23.67
CA THR A 320 -4.99 8.90 -22.47
C THR A 320 -4.50 8.15 -21.24
N PHE A 321 -4.10 8.88 -20.20
CA PHE A 321 -3.68 8.29 -18.96
C PHE A 321 -4.88 7.81 -18.14
N PRO A 322 -4.96 6.49 -17.87
CA PRO A 322 -6.05 6.04 -17.02
C PRO A 322 -5.76 6.36 -15.57
N ALA A 323 -6.75 6.12 -14.70
CA ALA A 323 -6.61 6.38 -13.29
C ALA A 323 -5.68 5.37 -12.64
N LEU A 324 -5.84 4.11 -13.08
CA LEU A 324 -4.98 3.01 -12.70
C LEU A 324 -3.57 3.22 -13.26
N LYS A 325 -2.59 3.09 -12.38
CA LYS A 325 -1.17 3.24 -12.73
C LYS A 325 -0.46 1.99 -12.24
N THR A 326 -0.16 1.14 -13.20
CA THR A 326 0.40 -0.18 -12.97
C THR A 326 1.45 -0.49 -14.00
N ALA A 327 2.15 -1.59 -13.79
CA ALA A 327 3.09 -2.13 -14.76
C ALA A 327 2.48 -2.31 -16.12
N ASP A 328 1.26 -2.85 -16.19
CA ASP A 328 0.64 -3.09 -17.49
C ASP A 328 0.27 -1.80 -18.23
N VAL A 329 -0.16 -0.80 -17.47
CA VAL A 329 -0.55 0.48 -18.07
C VAL A 329 0.73 1.19 -18.55
N SER A 330 1.76 1.17 -17.71
CA SER A 330 3.06 1.74 -18.10
C SER A 330 3.60 1.14 -19.39
N ALA A 331 3.54 -0.17 -19.50
CA ALA A 331 3.99 -0.82 -20.71
C ALA A 331 3.24 -0.34 -21.94
N LYS A 332 1.92 -0.22 -21.86
CA LYS A 332 1.13 0.23 -22.98
CA LYS A 332 1.16 0.23 -23.00
C LYS A 332 1.47 1.70 -23.33
N ILE A 333 1.56 2.54 -22.31
CA ILE A 333 1.92 3.94 -22.60
C ILE A 333 3.33 4.05 -23.24
N ALA A 334 4.31 3.40 -22.63
CA ALA A 334 5.68 3.58 -23.08
C ALA A 334 5.97 2.89 -24.42
N SER A 335 5.10 1.96 -24.82
CA SER A 335 5.18 1.29 -26.12
C SER A 335 4.58 2.10 -27.26
N THR A 336 3.89 3.20 -26.95
CA THR A 336 3.39 4.12 -27.97
C THR A 336 4.54 4.66 -28.81
N PRO A 337 4.46 4.52 -30.14
CA PRO A 337 5.56 5.07 -30.91
C PRO A 337 5.71 6.58 -30.66
N GLY A 338 6.93 7.02 -30.41
CA GLY A 338 7.23 8.42 -30.11
C GLY A 338 7.39 8.67 -28.63
N PHE A 339 6.94 7.75 -27.78
CA PHE A 339 7.16 7.93 -26.35
C PHE A 339 8.66 7.72 -26.10
N PRO A 340 9.27 8.57 -25.24
CA PRO A 340 10.72 8.51 -25.01
C PRO A 340 11.11 7.15 -24.51
N GLN A 341 12.19 6.60 -25.06
CA GLN A 341 12.55 5.20 -24.77
C GLN A 341 13.57 5.01 -23.67
N ASP A 342 13.95 6.08 -22.97
CA ASP A 342 14.85 5.96 -21.84
C ASP A 342 14.10 5.35 -20.64
N GLU A 343 14.85 4.66 -19.78
CA GLU A 343 14.27 3.98 -18.62
C GLU A 343 13.61 4.92 -17.63
N ALA A 344 14.23 6.08 -17.41
CA ALA A 344 13.72 7.05 -16.47
C ALA A 344 12.31 7.58 -16.87
N SER A 345 12.09 7.77 -18.15
CA SER A 345 10.80 8.24 -18.60
C SER A 345 9.71 7.23 -18.29
N LYS A 346 10.00 5.94 -18.46
CA LYS A 346 9.02 4.92 -18.21
C LYS A 346 8.74 4.83 -16.72
N GLU A 347 9.79 4.95 -15.91
CA GLU A 347 9.63 4.88 -14.47
C GLU A 347 8.77 6.03 -13.93
N ALA A 348 8.73 7.16 -14.61
CA ALA A 348 7.98 8.32 -14.15
C ALA A 348 6.45 8.10 -14.30
N LEU A 349 6.05 7.05 -15.03
CA LEU A 349 4.62 6.83 -15.31
C LEU A 349 3.79 6.36 -14.10
N ILE A 350 4.42 5.89 -13.04
CA ILE A 350 3.68 5.45 -11.87
C ILE A 350 4.10 6.30 -10.69
N PRO A 351 3.21 7.22 -10.27
CA PRO A 351 3.49 8.10 -9.14
C PRO A 351 3.56 7.34 -7.84
N ALA A 352 4.23 7.95 -6.88
CA ALA A 352 4.28 7.42 -5.54
C ALA A 352 2.95 7.66 -4.88
N LYS A 353 2.43 8.86 -5.08
CA LYS A 353 1.22 9.35 -4.44
C LYS A 353 0.76 10.58 -5.20
N ALA A 354 -0.56 10.65 -5.40
CA ALA A 354 -1.21 11.75 -6.10
C ALA A 354 -2.21 12.48 -5.17
N TYR A 355 -2.04 13.77 -4.98
CA TYR A 355 -3.03 14.61 -4.35
C TYR A 355 -3.91 15.26 -5.44
N LEU A 356 -5.20 15.43 -5.18
CA LEU A 356 -6.02 16.20 -6.14
C LEU A 356 -5.54 17.64 -6.14
N GLU A 357 -5.49 18.27 -7.31
CA GLU A 357 -5.11 19.72 -7.35
C GLU A 357 -5.95 20.58 -6.40
N MET A 358 -7.26 20.33 -6.43
CA MET A 358 -8.24 20.98 -5.57
C MET A 358 -9.08 19.89 -4.93
N ALA A 359 -8.99 19.78 -3.61
CA ALA A 359 -9.76 18.79 -2.85
C ALA A 359 -11.26 19.05 -3.01
N VAL A 360 -12.06 18.06 -2.63
CA VAL A 360 -13.52 18.24 -2.60
C VAL A 360 -13.89 19.44 -1.74
N ASN A 361 -14.61 20.40 -2.29
CA ASN A 361 -15.01 21.56 -1.51
C ASN A 361 -16.16 22.20 -2.27
N PRO A 362 -17.25 22.54 -1.57
CA PRO A 362 -18.40 23.06 -2.30
C PRO A 362 -18.21 24.46 -2.86
N ASN A 363 -17.16 25.16 -2.40
CA ASN A 363 -16.84 26.52 -2.87
C ASN A 363 -15.67 26.58 -3.84
N ALA A 364 -15.25 25.45 -4.37
CA ALA A 364 -14.08 25.39 -5.27
C ALA A 364 -14.04 26.48 -6.35
N ALA A 365 -15.13 26.69 -7.09
CA ALA A 365 -15.15 27.67 -8.16
C ALA A 365 -14.93 29.10 -7.64
N LYS A 366 -15.58 29.45 -6.52
CA LYS A 366 -15.36 30.73 -5.86
C LYS A 366 -13.95 30.85 -5.29
N ILE A 367 -13.39 29.77 -4.76
CA ILE A 367 -12.01 29.80 -4.28
C ILE A 367 -11.01 30.14 -5.40
N GLU A 368 -11.20 29.52 -6.56
CA GLU A 368 -10.41 29.72 -7.80
C GLU A 368 -10.31 31.17 -8.16
N VAL A 369 -11.43 31.86 -8.05
CA VAL A 369 -11.51 33.27 -8.36
C VAL A 369 -10.61 34.07 -7.41
N VAL A 370 -10.70 33.81 -6.09
CA VAL A 370 -9.85 34.48 -5.10
C VAL A 370 -8.37 34.17 -5.33
N LEU A 371 -8.05 32.90 -5.52
CA LEU A 371 -6.66 32.51 -5.67
C LEU A 371 -6.03 33.03 -6.98
N ASN A 372 -6.78 32.95 -8.07
CA ASN A 372 -6.27 33.44 -9.36
C ASN A 372 -6.02 34.93 -9.34
N ARG A 373 -6.92 35.69 -8.72
CA ARG A 373 -6.72 37.15 -8.67
C ARG A 373 -5.46 37.54 -7.94
N ALA A 374 -5.25 36.94 -6.76
CA ALA A 374 -4.05 37.20 -6.00
C ALA A 374 -2.81 36.67 -6.70
N HIS A 375 -2.90 35.52 -7.34
CA HIS A 375 -1.77 34.97 -8.07
C HIS A 375 -1.27 35.95 -9.12
N ASP A 376 -2.23 36.50 -9.84
CA ASP A 376 -1.97 37.40 -10.95
C ASP A 376 -1.34 38.70 -10.41
N ALA A 377 -1.78 39.17 -9.24
CA ALA A 377 -1.20 40.36 -8.64
C ALA A 377 0.24 40.13 -8.16
N ILE A 378 0.50 38.96 -7.59
CA ILE A 378 1.85 38.63 -7.12
C ILE A 378 2.83 38.54 -8.28
N MET A 379 2.44 37.80 -9.31
CA MET A 379 3.36 37.48 -10.40
C MET A 379 3.63 38.64 -11.33
N THR A 380 2.78 39.65 -11.29
CA THR A 380 2.99 40.92 -12.06
C THR A 380 3.67 42.00 -11.20
N ASP A 381 4.19 41.63 -10.03
CA ASP A 381 4.82 42.56 -9.07
C ASP A 381 3.91 43.70 -8.57
N ASN A 382 2.61 43.47 -8.56
CA ASN A 382 1.64 44.46 -8.13
C ASN A 382 1.25 44.36 -6.66
N THR A 383 1.56 43.23 -6.02
CA THR A 383 1.33 43.02 -4.62
C THR A 383 2.48 42.17 -4.12
N SER A 384 2.94 42.41 -2.89
CA SER A 384 4.01 41.64 -2.34
C SER A 384 3.46 40.21 -2.08
N VAL A 385 4.36 39.26 -1.98
CA VAL A 385 4.01 37.88 -1.67
C VAL A 385 3.20 37.83 -0.38
N ASP A 386 3.70 38.45 0.69
CA ASP A 386 2.98 38.40 1.98
C ASP A 386 1.57 38.99 1.86
N ASP A 387 1.47 40.16 1.27
CA ASP A 387 0.15 40.77 1.02
C ASP A 387 -0.76 39.91 0.13
N GLY A 388 -0.19 39.28 -0.90
CA GLY A 388 -0.99 38.42 -1.76
C GLY A 388 -1.56 37.20 -1.04
N LEU A 389 -0.75 36.59 -0.17
CA LEU A 389 -1.20 35.36 0.51
C LEU A 389 -2.28 35.71 1.56
N LYS A 390 -2.11 36.85 2.20
CA LYS A 390 -3.12 37.40 3.10
C LYS A 390 -4.46 37.62 2.39
N GLU A 391 -4.41 38.18 1.18
CA GLU A 391 -5.59 38.33 0.31
C GLU A 391 -6.29 36.99 -0.06
N MET A 392 -5.51 35.94 -0.30
CA MET A 392 -6.04 34.61 -0.54
C MET A 392 -6.71 34.15 0.76
N THR A 393 -6.01 34.28 1.88
CA THR A 393 -6.53 33.75 3.16
C THR A 393 -7.82 34.44 3.55
N GLU A 394 -7.82 35.76 3.48
CA GLU A 394 -8.99 36.55 3.87
C GLU A 394 -10.10 36.48 2.84
N GLY A 395 -9.76 36.39 1.55
CA GLY A 395 -10.78 36.30 0.52
C GLY A 395 -11.54 34.99 0.56
N VAL A 396 -10.85 33.91 0.90
CA VAL A 396 -11.49 32.60 0.93
C VAL A 396 -12.38 32.47 2.17
N LYS A 397 -11.90 32.98 3.31
CA LYS A 397 -12.69 33.01 4.54
C LYS A 397 -14.00 33.76 4.33
N ALA A 398 -13.96 34.82 3.54
CA ALA A 398 -15.12 35.70 3.36
C ALA A 398 -16.15 35.19 2.36
N ILE A 399 -15.86 34.05 1.72
CA ILE A 399 -16.82 33.42 0.79
C ILE A 399 -18.11 33.03 1.52
N LYS A 400 -19.22 33.41 0.92
CA LYS A 400 -20.54 33.13 1.46
C LYS A 400 -21.35 32.36 0.42
N SER B 1 -0.58 -67.09 8.31
CA SER B 1 0.73 -67.13 8.98
C SER B 1 1.20 -65.74 9.27
N MET B 2 1.89 -65.57 10.39
CA MET B 2 2.57 -64.31 10.67
C MET B 2 3.80 -64.07 9.71
N ALA B 3 4.17 -65.09 8.94
CA ALA B 3 5.21 -64.91 7.91
C ALA B 3 4.75 -64.03 6.74
N LEU B 4 3.45 -63.89 6.58
CA LEU B 4 2.81 -63.12 5.47
C LEU B 4 2.86 -61.65 5.85
N ALA B 5 3.55 -60.85 5.07
CA ALA B 5 3.76 -59.44 5.41
C ALA B 5 2.43 -58.72 5.39
N GLN B 6 2.28 -57.82 6.34
CA GLN B 6 1.13 -56.92 6.40
C GLN B 6 1.46 -55.74 5.46
N GLU B 7 0.56 -55.45 4.51
CA GLU B 7 0.69 -54.25 3.66
C GLU B 7 0.79 -52.97 4.47
N ALA B 8 1.76 -52.15 4.13
CA ALA B 8 1.91 -50.85 4.76
C ALA B 8 2.53 -49.89 3.77
N VAL B 9 2.37 -48.61 4.06
CA VAL B 9 3.06 -47.56 3.32
C VAL B 9 3.89 -46.76 4.31
N THR B 10 5.16 -46.50 3.95
CA THR B 10 6.06 -45.74 4.83
C THR B 10 6.26 -44.39 4.17
N LEU B 11 5.93 -43.35 4.92
CA LEU B 11 6.09 -41.99 4.45
C LEU B 11 7.37 -41.41 5.01
N LYS B 12 8.18 -40.85 4.13
CA LYS B 12 9.45 -40.22 4.55
C LYS B 12 9.15 -38.76 4.77
N TRP B 13 9.47 -38.27 5.97
CA TRP B 13 9.04 -36.93 6.39
C TRP B 13 10.28 -36.07 6.67
N ALA B 14 10.51 -35.13 5.77
CA ALA B 14 11.62 -34.17 5.89
C ALA B 14 11.19 -33.07 6.84
N LEU B 15 11.98 -32.86 7.88
CA LEU B 15 11.61 -31.96 8.96
C LEU B 15 12.90 -31.47 9.64
N TRP B 16 12.74 -30.72 10.72
CA TRP B 16 13.90 -30.27 11.49
C TRP B 16 13.73 -30.47 13.00
N ASP B 17 14.85 -30.78 13.66
CA ASP B 17 14.94 -30.79 15.13
C ASP B 17 13.91 -31.78 15.72
N TRP B 18 14.10 -33.04 15.32
CA TRP B 18 13.22 -34.12 15.69
C TRP B 18 13.06 -34.18 17.21
N ASP B 19 14.15 -34.37 17.94
CA ASP B 19 14.06 -34.55 19.39
CA ASP B 19 14.02 -34.56 19.38
C ASP B 19 13.67 -33.27 20.13
N LYS B 20 13.89 -32.10 19.51
CA LYS B 20 13.47 -30.81 20.12
C LYS B 20 12.00 -30.39 19.96
N THR B 21 11.30 -30.95 18.97
CA THR B 21 10.01 -30.42 18.55
C THR B 21 8.93 -31.40 19.07
N ALA B 22 8.04 -30.89 19.89
CA ALA B 22 7.24 -31.74 20.77
C ALA B 22 6.10 -32.38 20.02
N TYR B 23 5.69 -31.77 18.90
CA TYR B 23 4.47 -32.22 18.20
C TYR B 23 4.66 -33.32 17.15
N TYR B 24 5.88 -33.58 16.68
CA TYR B 24 6.05 -34.64 15.64
C TYR B 24 5.51 -36.02 16.10
N LYS B 25 5.99 -36.48 17.23
CA LYS B 25 5.70 -37.82 17.71
C LYS B 25 4.20 -38.00 18.00
N PRO B 26 3.56 -37.06 18.70
CA PRO B 26 2.12 -37.20 18.96
C PRO B 26 1.23 -37.10 17.74
N LEU B 27 1.60 -36.30 16.75
CA LEU B 27 0.87 -36.32 15.48
C LEU B 27 0.94 -37.66 14.81
N ILE B 28 2.12 -38.28 14.80
CA ILE B 28 2.29 -39.59 14.16
C ILE B 28 1.46 -40.62 14.92
N GLU B 29 1.53 -40.54 16.24
CA GLU B 29 0.83 -41.48 17.08
C GLU B 29 -0.69 -41.34 16.98
N ALA B 30 -1.21 -40.12 16.86
CA ALA B 30 -2.66 -39.91 16.76
C ALA B 30 -3.13 -40.36 15.38
N TYR B 31 -2.30 -40.14 14.38
CA TYR B 31 -2.65 -40.57 13.03
C TYR B 31 -2.64 -42.09 12.90
N GLN B 32 -1.64 -42.73 13.46
CA GLN B 32 -1.47 -44.17 13.36
C GLN B 32 -2.54 -44.90 14.14
N ALA B 33 -3.03 -44.26 15.19
CA ALA B 33 -4.16 -44.82 15.96
C ALA B 33 -5.37 -45.05 15.05
N LYS B 34 -5.62 -44.14 14.11
CA LYS B 34 -6.70 -44.23 13.13
C LYS B 34 -6.28 -44.99 11.87
N HIS B 35 -4.99 -44.96 11.54
CA HIS B 35 -4.46 -45.53 10.28
C HIS B 35 -3.21 -46.36 10.56
N PRO B 36 -3.37 -47.58 11.11
CA PRO B 36 -2.20 -48.37 11.60
C PRO B 36 -1.23 -48.93 10.54
N ASN B 37 -1.67 -48.91 9.29
CA ASN B 37 -0.94 -49.35 8.11
CA ASN B 37 -0.78 -49.41 8.24
C ASN B 37 0.03 -48.29 7.57
N VAL B 38 0.10 -47.12 8.19
CA VAL B 38 0.92 -46.02 7.65
C VAL B 38 2.03 -45.80 8.62
N LYS B 39 3.26 -45.94 8.12
CA LYS B 39 4.46 -45.79 8.93
C LYS B 39 5.16 -44.53 8.49
N PHE B 40 6.01 -44.02 9.39
CA PHE B 40 6.71 -42.78 9.15
C PHE B 40 8.19 -42.98 9.33
N GLU B 41 8.97 -42.37 8.45
CA GLU B 41 10.41 -42.38 8.60
C GLU B 41 10.86 -40.90 8.55
N PRO B 42 11.09 -40.30 9.73
CA PRO B 42 11.54 -38.92 9.76
C PRO B 42 12.92 -38.74 9.17
N MET B 43 13.13 -37.63 8.46
CA MET B 43 14.46 -37.23 7.97
C MET B 43 14.76 -35.85 8.56
N ASP B 44 15.62 -35.81 9.56
CA ASP B 44 15.86 -34.55 10.27
C ASP B 44 16.99 -33.80 9.56
N LEU B 45 16.67 -32.72 8.83
CA LEU B 45 17.69 -31.99 8.02
C LEU B 45 18.41 -30.87 8.78
N GLY B 46 17.96 -30.61 10.01
CA GLY B 46 18.53 -29.58 10.90
C GLY B 46 17.78 -28.27 10.69
N SER B 47 17.64 -27.43 11.72
CA SER B 47 16.96 -26.16 11.51
C SER B 47 17.92 -25.15 10.88
N GLN B 48 19.20 -25.26 11.25
CA GLN B 48 20.29 -24.34 10.88
C GLN B 48 20.21 -23.89 9.43
N ASP B 49 20.40 -24.84 8.53
CA ASP B 49 20.46 -24.59 7.10
C ASP B 49 19.27 -25.31 6.42
N TYR B 50 18.10 -25.31 7.07
CA TYR B 50 16.98 -26.20 6.60
C TYR B 50 16.56 -25.94 5.16
N GLN B 51 16.24 -24.69 4.84
CA GLN B 51 15.72 -24.34 3.52
C GLN B 51 16.66 -24.85 2.42
N GLN B 52 17.95 -24.61 2.55
CA GLN B 52 18.96 -25.10 1.60
C GLN B 52 19.10 -26.62 1.56
N MET B 53 19.03 -27.26 2.72
CA MET B 53 19.19 -28.71 2.79
C MET B 53 18.02 -29.42 2.08
N ILE B 54 16.79 -28.95 2.33
CA ILE B 54 15.61 -29.53 1.67
C ILE B 54 15.59 -29.21 0.18
N SER B 55 15.94 -27.99 -0.20
CA SER B 55 16.08 -27.65 -1.59
C SER B 55 17.02 -28.64 -2.28
N THR B 56 18.17 -28.87 -1.67
CA THR B 56 19.22 -29.75 -2.22
C THR B 56 18.74 -31.18 -2.30
N GLN B 57 18.07 -31.65 -1.24
N GLN B 57 18.04 -31.62 -1.25
CA GLN B 57 17.50 -33.00 -1.21
CA GLN B 57 17.53 -32.98 -1.21
C GLN B 57 16.52 -33.23 -2.34
C GLN B 57 16.51 -33.23 -2.31
N LEU B 58 15.73 -32.20 -2.69
CA LEU B 58 14.70 -32.31 -3.73
C LEU B 58 15.17 -32.16 -5.20
N THR B 59 16.46 -31.83 -5.41
CA THR B 59 17.00 -31.64 -6.78
C THR B 59 17.08 -32.98 -7.54
N GLY B 60 17.29 -32.90 -8.85
CA GLY B 60 17.47 -34.10 -9.67
C GLY B 60 16.28 -35.05 -9.75
N GLY B 61 15.11 -34.59 -9.29
CA GLY B 61 13.87 -35.40 -9.30
C GLY B 61 13.72 -36.47 -8.22
N SER B 62 14.51 -36.35 -7.17
CA SER B 62 14.57 -37.30 -6.06
C SER B 62 13.16 -37.65 -5.54
N LYS B 63 12.89 -38.96 -5.39
CA LYS B 63 11.53 -39.50 -5.16
C LYS B 63 11.44 -40.14 -3.78
N ASP B 64 12.41 -39.84 -2.93
CA ASP B 64 12.59 -40.49 -1.62
C ASP B 64 11.67 -39.83 -0.60
N ILE B 65 11.73 -38.51 -0.53
CA ILE B 65 10.92 -37.73 0.43
C ILE B 65 9.46 -37.67 0.02
N ASP B 66 8.56 -37.83 0.99
CA ASP B 66 7.12 -37.68 0.72
C ASP B 66 6.55 -36.39 1.27
N ILE B 67 6.67 -36.25 2.59
CA ILE B 67 6.16 -35.09 3.28
C ILE B 67 7.29 -34.08 3.48
N VAL B 68 7.00 -32.85 3.11
CA VAL B 68 7.97 -31.76 3.20
C VAL B 68 7.48 -30.73 4.20
N THR B 69 8.25 -30.50 5.26
CA THR B 69 7.89 -29.43 6.19
C THR B 69 8.45 -28.09 5.71
N ILE B 70 7.64 -27.03 5.85
CA ILE B 70 8.05 -25.71 5.37
C ILE B 70 8.18 -24.77 6.54
N LYS B 71 9.35 -24.17 6.67
CA LYS B 71 9.73 -23.49 7.91
C LYS B 71 9.08 -22.12 8.03
N ASP B 72 8.98 -21.43 6.88
CA ASP B 72 8.48 -20.06 6.81
C ASP B 72 8.13 -19.70 5.37
N VAL B 73 7.67 -18.48 5.16
CA VAL B 73 7.24 -18.04 3.81
C VAL B 73 8.37 -17.99 2.76
N PRO B 74 9.55 -17.47 3.12
CA PRO B 74 10.62 -17.55 2.16
C PRO B 74 11.00 -18.96 1.75
N GLY B 75 10.98 -19.89 2.71
CA GLY B 75 11.17 -21.30 2.40
C GLY B 75 10.09 -21.82 1.46
N TYR B 76 8.86 -21.38 1.70
CA TYR B 76 7.74 -21.79 0.88
C TYR B 76 7.93 -21.32 -0.56
N THR B 77 8.25 -20.05 -0.73
CA THR B 77 8.44 -19.46 -2.05
C THR B 77 9.57 -20.12 -2.83
N ASN B 78 10.68 -20.39 -2.12
CA ASN B 78 11.82 -21.11 -2.70
C ASN B 78 11.34 -22.43 -3.32
N LEU B 79 10.62 -23.22 -2.54
CA LEU B 79 10.13 -24.54 -3.04
C LEU B 79 9.11 -24.47 -4.20
N VAL B 80 8.18 -23.52 -4.09
CA VAL B 80 7.17 -23.32 -5.12
C VAL B 80 7.82 -22.87 -6.42
N ARG B 81 8.73 -21.89 -6.34
CA ARG B 81 9.40 -21.39 -7.54
C ARG B 81 10.18 -22.49 -8.24
N ALA B 82 10.84 -23.39 -7.50
CA ALA B 82 11.59 -24.51 -8.08
C ALA B 82 10.77 -25.73 -8.58
N GLY B 83 9.46 -25.76 -8.35
CA GLY B 83 8.63 -26.89 -8.70
C GLY B 83 8.71 -28.10 -7.79
N ASN B 84 9.26 -27.90 -6.59
CA ASN B 84 9.58 -29.00 -5.71
C ASN B 84 8.38 -29.60 -5.00
N ILE B 85 7.30 -28.84 -4.89
CA ILE B 85 6.15 -29.27 -4.11
C ILE B 85 4.86 -29.19 -4.94
N ALA B 86 4.00 -30.15 -4.71
CA ALA B 86 2.78 -30.33 -5.50
C ALA B 86 1.75 -29.25 -5.22
N ASP B 87 1.07 -28.83 -6.28
CA ASP B 87 -0.10 -28.00 -6.18
C ASP B 87 -1.19 -28.75 -5.42
N LEU B 88 -1.70 -28.14 -4.38
CA LEU B 88 -2.73 -28.72 -3.54
C LEU B 88 -4.12 -28.12 -3.79
N SER B 89 -4.23 -27.20 -4.75
CA SER B 89 -5.50 -26.50 -4.99
C SER B 89 -6.68 -27.46 -5.19
N GLY B 90 -6.46 -28.44 -6.08
CA GLY B 90 -7.48 -29.45 -6.35
C GLY B 90 -7.91 -30.21 -5.12
N PHE B 91 -6.92 -30.69 -4.35
CA PHE B 91 -7.13 -31.51 -3.17
C PHE B 91 -7.96 -30.79 -2.15
N VAL B 92 -7.61 -29.53 -1.90
CA VAL B 92 -8.33 -28.68 -0.94
C VAL B 92 -9.79 -28.51 -1.36
N LYS B 93 -9.99 -28.20 -2.64
CA LYS B 93 -11.33 -28.02 -3.16
C LYS B 93 -12.13 -29.32 -3.03
N ASP B 94 -11.53 -30.42 -3.49
CA ASP B 94 -12.25 -31.72 -3.54
C ASP B 94 -12.53 -32.24 -2.14
N GLN B 95 -11.64 -31.95 -1.21
CA GLN B 95 -11.83 -32.34 0.19
C GLN B 95 -12.73 -31.40 0.97
N LYS B 96 -13.12 -30.28 0.36
CA LYS B 96 -13.98 -29.31 0.98
C LYS B 96 -13.37 -28.75 2.27
N ILE B 97 -12.09 -28.44 2.24
CA ILE B 97 -11.45 -27.83 3.41
C ILE B 97 -11.82 -26.34 3.46
N ASP B 98 -12.53 -25.97 4.52
CA ASP B 98 -12.99 -24.62 4.77
C ASP B 98 -11.76 -23.73 5.12
N PRO B 99 -11.49 -22.72 4.30
CA PRO B 99 -10.37 -21.82 4.56
C PRO B 99 -10.63 -20.86 5.72
N ALA B 100 -11.90 -20.58 6.01
CA ALA B 100 -12.24 -19.50 6.92
C ALA B 100 -11.57 -19.59 8.31
N PRO B 101 -11.51 -20.78 8.92
CA PRO B 101 -10.92 -20.85 10.25
C PRO B 101 -9.38 -20.70 10.27
N TYR B 102 -8.76 -20.64 9.09
CA TYR B 102 -7.33 -20.29 8.97
C TYR B 102 -7.12 -18.77 9.03
N GLY B 103 -8.22 -18.03 9.04
CA GLY B 103 -8.19 -16.59 9.32
C GLY B 103 -7.45 -15.77 8.29
N GLY B 104 -7.43 -16.22 7.03
CA GLY B 104 -6.79 -15.48 5.97
C GLY B 104 -5.52 -16.11 5.43
N LEU B 105 -4.93 -17.04 6.19
CA LEU B 105 -3.64 -17.63 5.82
C LEU B 105 -3.67 -18.39 4.49
N ILE B 106 -4.79 -19.03 4.18
CA ILE B 106 -4.87 -19.80 2.92
C ILE B 106 -4.69 -18.87 1.75
N GLU B 107 -5.40 -17.76 1.78
CA GLU B 107 -5.34 -16.76 0.74
C GLU B 107 -3.94 -16.15 0.69
N GLU B 108 -3.32 -15.95 1.85
CA GLU B 108 -1.99 -15.35 1.87
C GLU B 108 -0.94 -16.27 1.23
N LEU B 109 -1.17 -17.58 1.30
CA LEU B 109 -0.24 -18.53 0.74
C LEU B 109 -0.57 -18.92 -0.72
N THR B 110 -1.62 -18.31 -1.26
CA THR B 110 -2.06 -18.61 -2.63
C THR B 110 -1.24 -17.75 -3.58
N ILE B 111 -0.56 -18.42 -4.49
CA ILE B 111 0.33 -17.77 -5.44
C ILE B 111 -0.21 -18.05 -6.84
N ASP B 112 -0.79 -17.04 -7.50
CA ASP B 112 -1.28 -17.22 -8.88
C ASP B 112 -2.34 -18.28 -8.89
N GLY B 113 -3.30 -18.13 -7.97
CA GLY B 113 -4.43 -19.04 -7.85
C GLY B 113 -4.14 -20.45 -7.34
N LYS B 114 -2.90 -20.74 -6.96
CA LYS B 114 -2.53 -22.06 -6.49
C LYS B 114 -1.92 -22.01 -5.08
N ILE B 115 -2.23 -23.04 -4.29
CA ILE B 115 -1.66 -23.20 -2.97
C ILE B 115 -0.90 -24.52 -2.88
N TYR B 116 0.29 -24.47 -2.30
CA TYR B 116 1.19 -25.61 -2.27
C TYR B 116 1.56 -26.10 -0.87
N SER B 117 0.94 -25.53 0.16
CA SER B 117 1.15 -25.97 1.54
C SER B 117 -0.11 -25.80 2.37
N LEU B 118 -0.34 -26.76 3.29
CA LEU B 118 -1.33 -26.61 4.33
C LEU B 118 -0.58 -26.18 5.59
N PRO B 119 -0.91 -24.99 6.10
CA PRO B 119 -0.30 -24.51 7.32
C PRO B 119 -0.82 -25.27 8.51
N PHE B 120 0.06 -25.57 9.44
CA PHE B 120 -0.28 -26.33 10.62
C PHE B 120 0.08 -25.65 11.90
N ARG B 121 0.98 -24.67 11.81
CA ARG B 121 1.30 -23.81 12.95
CA ARG B 121 1.38 -23.83 12.93
C ARG B 121 1.27 -22.37 12.48
N SER B 122 0.77 -21.48 13.33
CA SER B 122 0.85 -20.05 13.03
C SER B 122 0.86 -19.26 14.34
N ASP B 123 1.89 -18.46 14.51
CA ASP B 123 1.89 -17.49 15.61
C ASP B 123 1.46 -16.15 15.05
N PHE B 124 0.79 -15.34 15.88
CA PHE B 124 0.35 -14.04 15.47
C PHE B 124 0.64 -13.05 16.58
N TRP B 125 0.46 -11.79 16.23
CA TRP B 125 0.75 -10.70 17.17
C TRP B 125 -0.44 -10.30 18.07
N ILE B 126 -0.13 -10.15 19.34
CA ILE B 126 -1.05 -9.77 20.41
C ILE B 126 -0.31 -8.84 21.38
N VAL B 127 -0.99 -8.35 22.41
CA VAL B 127 -0.34 -7.55 23.48
C VAL B 127 -0.47 -8.25 24.81
N TYR B 128 0.65 -8.43 25.48
CA TYR B 128 0.72 -8.99 26.82
C TYR B 128 0.68 -7.82 27.77
N TYR B 129 0.06 -7.97 28.93
CA TYR B 129 0.07 -6.89 29.91
C TYR B 129 0.20 -7.38 31.33
N ASN B 130 0.73 -6.48 32.16
CA ASN B 130 1.00 -6.78 33.55
C ASN B 130 -0.09 -6.09 34.38
N LYS B 131 -1.03 -6.90 34.91
CA LYS B 131 -2.14 -6.39 35.74
C LYS B 131 -1.68 -5.55 36.96
N ASP B 132 -0.69 -6.04 37.69
CA ASP B 132 -0.12 -5.32 38.83
C ASP B 132 0.22 -3.86 38.49
N ILE B 133 0.84 -3.62 37.35
CA ILE B 133 1.24 -2.25 36.98
C ILE B 133 0.00 -1.39 36.74
N PHE B 134 -1.00 -1.97 36.09
CA PHE B 134 -2.22 -1.25 35.77
C PHE B 134 -3.00 -0.93 37.06
N ASP B 135 -3.05 -1.89 37.98
CA ASP B 135 -3.78 -1.69 39.26
C ASP B 135 -3.10 -0.60 40.06
N LYS B 136 -1.80 -0.75 40.27
CA LYS B 136 -1.01 0.21 41.03
C LYS B 136 -1.17 1.62 40.44
N ALA B 137 -1.31 1.72 39.13
CA ALA B 137 -1.48 3.04 38.50
C ALA B 137 -2.93 3.57 38.40
N GLY B 138 -3.93 2.71 38.67
CA GLY B 138 -5.34 3.12 38.56
C GLY B 138 -5.75 3.32 37.11
N VAL B 139 -5.28 2.47 36.21
CA VAL B 139 -5.54 2.59 34.80
C VAL B 139 -6.32 1.35 34.41
N PRO B 140 -7.41 1.52 33.62
CA PRO B 140 -8.14 0.30 33.20
C PRO B 140 -7.25 -0.63 32.36
N TYR B 141 -7.45 -1.93 32.50
CA TYR B 141 -6.75 -2.91 31.66
C TYR B 141 -6.95 -2.57 30.18
N PRO B 142 -5.97 -2.96 29.34
CA PRO B 142 -6.26 -2.96 27.92
C PRO B 142 -7.54 -3.78 27.58
N THR B 143 -8.24 -3.37 26.53
CA THR B 143 -9.40 -4.08 25.99
C THR B 143 -9.04 -4.71 24.65
N ASN B 144 -9.93 -5.54 24.10
CA ASN B 144 -9.75 -6.11 22.76
C ASN B 144 -10.16 -5.15 21.64
N ASP B 145 -10.40 -3.89 21.99
CA ASP B 145 -10.73 -2.86 21.04
C ASP B 145 -9.95 -1.57 21.32
N MET B 146 -8.65 -1.63 21.06
CA MET B 146 -7.72 -0.57 21.37
C MET B 146 -7.11 -0.09 20.07
N THR B 147 -7.07 1.21 19.83
CA THR B 147 -6.29 1.75 18.71
C THR B 147 -4.84 1.94 19.18
N TRP B 148 -3.94 2.20 18.24
CA TRP B 148 -2.52 2.42 18.60
C TRP B 148 -2.34 3.74 19.33
N ALA B 149 -3.12 4.75 18.94
CA ALA B 149 -3.21 6.02 19.71
C ALA B 149 -3.57 5.76 21.17
N GLN B 150 -4.56 4.90 21.36
CA GLN B 150 -4.99 4.54 22.69
C GLN B 150 -3.93 3.74 23.44
N PHE B 151 -3.26 2.83 22.75
CA PHE B 151 -2.11 2.14 23.33
C PHE B 151 -1.02 3.15 23.79
N ASP B 152 -0.67 4.09 22.92
CA ASP B 152 0.44 5.02 23.24
C ASP B 152 0.03 5.91 24.43
N GLU B 153 -1.25 6.30 24.46
CA GLU B 153 -1.80 7.07 25.58
C GLU B 153 -1.66 6.29 26.89
N THR B 154 -2.03 5.01 26.88
CA THR B 154 -1.93 4.18 28.05
C THR B 154 -0.48 3.96 28.44
N ALA B 155 0.38 3.76 27.45
CA ALA B 155 1.80 3.57 27.75
C ALA B 155 2.39 4.80 28.51
N GLU B 156 2.15 5.97 27.95
CA GLU B 156 2.63 7.23 28.49
C GLU B 156 2.08 7.44 29.92
N LYS B 157 0.81 7.07 30.13
CA LYS B 157 0.18 7.22 31.45
C LYS B 157 0.79 6.28 32.46
N LEU B 158 1.17 5.07 32.04
CA LEU B 158 1.81 4.14 32.97
C LEU B 158 3.28 4.46 33.29
N ALA B 159 3.98 5.06 32.35
CA ALA B 159 5.42 5.31 32.47
C ALA B 159 5.69 6.29 33.60
N GLY B 160 6.72 6.01 34.38
CA GLY B 160 7.17 6.96 35.40
C GLY B 160 8.02 6.30 36.46
N GLY B 161 8.36 7.07 37.49
CA GLY B 161 9.34 6.62 38.47
C GLY B 161 10.73 6.84 37.89
N MET B 162 11.76 6.66 38.71
CA MET B 162 13.12 6.82 38.20
C MET B 162 14.03 5.75 38.76
N GLY B 163 15.20 5.60 38.11
CA GLY B 163 16.20 4.64 38.54
C GLY B 163 15.73 3.21 38.47
N THR B 164 16.01 2.44 39.51
CA THR B 164 15.66 1.02 39.48
C THR B 164 14.16 0.79 39.69
N ASN B 165 13.48 1.76 40.30
CA ASN B 165 12.05 1.67 40.51
C ASN B 165 11.23 2.38 39.39
N LYS B 166 11.73 2.30 38.16
CA LYS B 166 11.06 2.90 37.00
C LYS B 166 10.15 1.88 36.33
N THR B 167 8.96 2.33 35.99
CA THR B 167 8.02 1.57 35.20
C THR B 167 8.01 2.12 33.78
N TYR B 168 8.07 1.21 32.81
CA TYR B 168 7.80 1.56 31.44
C TYR B 168 6.39 1.13 31.08
N GLY B 169 5.70 1.95 30.31
CA GLY B 169 4.32 1.68 29.92
C GLY B 169 4.25 0.59 28.89
N ALA B 170 5.30 0.50 28.08
CA ALA B 170 5.39 -0.59 27.09
C ALA B 170 6.85 -0.88 26.71
N LEU B 171 7.07 -1.92 25.91
CA LEU B 171 8.39 -2.26 25.40
C LEU B 171 8.24 -2.67 23.95
N LEU B 172 8.90 -1.93 23.05
CA LEU B 172 8.99 -2.32 21.65
C LEU B 172 10.34 -2.98 21.41
N HIS B 173 10.30 -4.29 21.21
CA HIS B 173 11.53 -5.06 21.09
C HIS B 173 12.33 -4.58 19.85
N THR B 174 13.62 -4.92 19.83
CA THR B 174 14.54 -4.43 18.84
C THR B 174 14.50 -5.15 17.48
N TRP B 175 13.36 -5.70 17.11
CA TRP B 175 13.11 -6.11 15.75
C TRP B 175 12.36 -5.00 15.05
N ARG B 176 12.55 -4.88 13.75
CA ARG B 176 11.79 -3.89 12.96
C ARG B 176 10.30 -4.13 13.00
N SER B 177 9.92 -5.40 13.10
CA SER B 177 8.50 -5.75 13.19
C SER B 177 7.67 -5.07 14.28
N THR B 178 8.26 -4.77 15.42
CA THR B 178 7.51 -4.13 16.50
C THR B 178 7.04 -2.72 16.12
N VAL B 179 7.78 -2.06 15.24
CA VAL B 179 7.44 -0.73 14.74
C VAL B 179 6.69 -0.80 13.42
N GLN B 180 7.09 -1.73 12.55
CA GLN B 180 6.54 -1.78 11.18
C GLN B 180 5.19 -2.53 11.02
N LEU B 181 4.98 -3.61 11.77
CA LEU B 181 3.83 -4.43 11.54
C LEU B 181 2.51 -3.67 11.72
N PRO B 182 2.43 -2.75 12.68
CA PRO B 182 1.19 -1.99 12.76
C PRO B 182 0.83 -1.29 11.45
N GLY B 183 1.85 -0.93 10.69
CA GLY B 183 1.64 -0.26 9.42
C GLY B 183 1.11 -1.08 8.27
N ILE B 184 0.88 -2.37 8.45
CA ILE B 184 0.32 -3.22 7.38
C ILE B 184 -1.05 -3.78 7.74
N LEU B 185 -1.52 -3.47 8.95
CA LEU B 185 -2.75 -4.01 9.48
C LEU B 185 -3.97 -3.49 8.72
N ASP B 186 -3.88 -2.33 8.05
CA ASP B 186 -4.99 -1.81 7.22
C ASP B 186 -5.14 -2.52 5.87
N GLY B 187 -4.22 -3.44 5.54
CA GLY B 187 -4.31 -4.18 4.29
C GLY B 187 -3.89 -3.46 3.02
N LYS B 188 -3.48 -2.20 3.13
CA LYS B 188 -3.16 -1.34 2.00
C LYS B 188 -1.74 -1.54 1.49
N HIS B 189 -0.82 -1.93 2.37
CA HIS B 189 0.56 -2.16 1.98
C HIS B 189 1.08 -3.47 2.57
N THR B 190 2.04 -4.06 1.88
CA THR B 190 2.91 -5.10 2.47
C THR B 190 4.28 -4.46 2.74
N LEU B 191 5.22 -5.25 3.23
CA LEU B 191 6.56 -4.75 3.54
C LEU B 191 7.57 -5.20 2.49
N VAL B 192 7.07 -5.77 1.39
CA VAL B 192 7.96 -6.35 0.37
C VAL B 192 7.83 -5.70 -1.01
N ASP B 193 6.87 -4.79 -1.19
CA ASP B 193 6.60 -4.22 -2.51
C ASP B 193 7.28 -2.88 -2.78
N GLY B 194 8.14 -2.38 -1.90
CA GLY B 194 8.72 -1.06 -2.11
C GLY B 194 7.88 0.07 -1.50
N ASP B 195 8.28 1.29 -1.81
CA ASP B 195 7.58 2.51 -1.37
C ASP B 195 7.17 2.54 0.10
N TYR B 196 8.15 2.81 0.94
CA TYR B 196 8.03 2.64 2.39
C TYR B 196 7.62 3.93 3.11
N ALA B 197 7.31 4.99 2.37
CA ALA B 197 6.82 6.24 2.95
C ALA B 197 5.64 6.08 3.91
N PHE B 198 4.75 5.13 3.63
CA PHE B 198 3.57 4.89 4.50
C PHE B 198 3.95 4.58 5.97
N LEU B 199 5.19 4.10 6.18
CA LEU B 199 5.66 3.82 7.54
C LEU B 199 5.99 5.03 8.36
N LYS B 200 6.10 6.21 7.74
CA LYS B 200 6.43 7.43 8.46
C LYS B 200 5.69 7.65 9.78
N PRO B 201 4.33 7.55 9.79
CA PRO B 201 3.67 7.79 11.06
C PRO B 201 3.92 6.69 12.10
N TRP B 202 4.24 5.48 11.62
CA TRP B 202 4.53 4.32 12.50
C TRP B 202 5.92 4.49 13.15
N TYR B 203 6.87 5.04 12.40
CA TYR B 203 8.17 5.42 13.00
C TYR B 203 7.98 6.58 13.98
N GLU B 204 7.26 7.62 13.56
CA GLU B 204 7.03 8.75 14.43
C GLU B 204 6.45 8.34 15.80
N ARG B 205 5.45 7.46 15.86
CA ARG B 205 4.84 7.12 17.17
C ARG B 205 5.82 6.37 18.07
N ALA B 206 6.65 5.51 17.48
CA ALA B 206 7.61 4.73 18.25
C ALA B 206 8.72 5.63 18.75
N LEU B 207 9.22 6.49 17.87
CA LEU B 207 10.28 7.44 18.28
C LEU B 207 9.79 8.41 19.36
N THR B 208 8.50 8.77 19.32
CA THR B 208 7.92 9.63 20.35
C THR B 208 7.88 8.92 21.69
N LEU B 209 7.43 7.65 21.68
CA LEU B 209 7.43 6.86 22.90
C LEU B 209 8.85 6.79 23.47
N GLN B 210 9.82 6.62 22.60
CA GLN B 210 11.22 6.44 23.00
C GLN B 210 11.79 7.76 23.51
N LYS B 211 11.58 8.81 22.74
CA LYS B 211 12.04 10.14 23.19
C LYS B 211 11.51 10.50 24.58
N ASP B 212 10.23 10.22 24.83
CA ASP B 212 9.56 10.57 26.06
C ASP B 212 9.88 9.58 27.16
N GLY B 213 10.56 8.48 26.87
CA GLY B 213 10.86 7.51 27.93
C GLY B 213 9.69 6.66 28.40
N ALA B 214 8.63 6.58 27.58
CA ALA B 214 7.51 5.68 27.83
C ALA B 214 7.86 4.18 27.60
N ILE B 215 8.86 3.95 26.77
CA ILE B 215 9.39 2.63 26.46
C ILE B 215 10.91 2.69 26.52
N PRO B 216 11.57 1.56 26.79
CA PRO B 216 13.04 1.61 26.74
C PRO B 216 13.56 1.93 25.35
N SER B 217 14.67 2.66 25.31
CA SER B 217 15.25 3.00 24.01
C SER B 217 15.77 1.81 23.26
N TYR B 218 15.64 1.83 21.94
CA TYR B 218 16.22 0.81 21.07
C TYR B 218 17.73 0.68 21.32
N ALA B 219 18.44 1.79 21.41
CA ALA B 219 19.87 1.73 21.62
C ALA B 219 20.21 1.05 22.95
N PHE B 220 19.48 1.37 24.01
CA PHE B 220 19.68 0.73 25.29
C PHE B 220 19.47 -0.76 25.17
N LEU B 221 18.35 -1.17 24.58
CA LEU B 221 18.00 -2.59 24.49
C LEU B 221 19.01 -3.35 23.63
N LYS B 222 19.38 -2.75 22.51
CA LYS B 222 20.19 -3.42 21.51
C LYS B 222 21.63 -3.59 22.02
N THR B 223 22.19 -2.48 22.48
CA THR B 223 23.59 -2.38 22.89
CA THR B 223 23.61 -2.46 22.86
C THR B 223 23.79 -3.26 24.14
N SER B 224 22.78 -3.26 25.00
CA SER B 224 22.85 -4.02 26.23
C SER B 224 22.51 -5.48 26.11
N ASN B 225 22.01 -5.88 24.95
CA ASN B 225 21.49 -7.20 24.71
C ASN B 225 20.37 -7.67 25.61
N THR B 226 19.51 -6.74 26.00
CA THR B 226 18.42 -7.03 26.86
C THR B 226 17.27 -7.58 26.05
N HIS B 227 16.86 -8.78 26.39
CA HIS B 227 15.77 -9.45 25.73
C HIS B 227 14.48 -8.97 26.34
N TYR B 228 13.44 -8.85 25.52
CA TYR B 228 12.18 -8.27 25.99
C TYR B 228 11.61 -9.03 27.19
N SER B 229 11.81 -10.35 27.21
CA SER B 229 11.32 -11.19 28.30
C SER B 229 11.87 -10.78 29.64
N ALA B 230 13.15 -10.36 29.69
CA ALA B 230 13.83 -9.96 30.91
C ALA B 230 13.12 -8.82 31.63
N LEU B 231 12.65 -7.84 30.86
CA LEU B 231 11.95 -6.70 31.44
C LEU B 231 10.50 -7.00 31.73
N PHE B 232 9.85 -7.81 30.90
CA PHE B 232 8.50 -8.20 31.22
C PHE B 232 8.48 -9.06 32.47
N PHE B 233 9.46 -9.95 32.57
CA PHE B 233 9.64 -10.83 33.73
C PHE B 233 9.86 -10.06 35.03
N ASN B 234 10.71 -9.04 35.02
CA ASN B 234 10.98 -8.32 36.29
C ASN B 234 9.90 -7.30 36.70
N GLY B 235 8.77 -7.32 36.01
CA GLY B 235 7.59 -6.54 36.37
C GLY B 235 7.68 -5.04 36.10
N THR B 236 8.53 -4.60 35.17
CA THR B 236 8.69 -3.17 34.89
C THR B 236 8.09 -2.73 33.57
N ILE B 237 7.38 -3.63 32.90
CA ILE B 237 6.74 -3.34 31.61
C ILE B 237 5.24 -3.53 31.67
N GLY B 238 4.52 -2.44 31.35
CA GLY B 238 3.06 -2.45 31.40
C GLY B 238 2.48 -3.33 30.28
N MET B 239 2.86 -3.02 29.04
CA MET B 239 2.34 -3.70 27.85
C MET B 239 3.46 -4.15 26.90
N LEU B 240 3.28 -5.33 26.28
CA LEU B 240 4.26 -5.86 25.34
C LEU B 240 3.61 -6.37 24.06
N PRO B 241 3.74 -5.63 22.95
CA PRO B 241 3.37 -6.24 21.65
C PRO B 241 4.37 -7.36 21.31
N MET B 242 3.91 -8.60 21.19
CA MET B 242 4.78 -9.76 20.93
C MET B 242 3.96 -10.86 20.28
N GLY B 243 4.65 -11.73 19.56
CA GLY B 243 3.96 -12.93 19.04
C GLY B 243 3.46 -13.86 20.13
N THR B 244 2.52 -14.74 19.74
CA THR B 244 1.86 -15.67 20.63
C THR B 244 2.78 -16.74 21.15
N TRP B 245 3.99 -16.87 20.60
CA TRP B 245 5.01 -17.78 21.10
C TRP B 245 5.35 -17.50 22.58
N PHE B 246 5.20 -16.25 23.02
CA PHE B 246 5.56 -15.88 24.37
C PHE B 246 4.59 -16.39 25.45
N VAL B 247 3.36 -16.76 25.04
CA VAL B 247 2.38 -17.33 25.98
C VAL B 247 3.01 -18.49 26.75
N GLY B 248 3.46 -19.51 26.03
CA GLY B 248 4.09 -20.68 26.67
C GLY B 248 5.30 -20.37 27.52
N THR B 249 6.10 -19.42 27.06
CA THR B 249 7.27 -18.98 27.78
C THR B 249 6.88 -18.30 29.09
N GLN B 250 5.91 -17.39 29.03
CA GLN B 250 5.50 -16.65 30.26
C GLN B 250 4.90 -17.64 31.28
N ILE B 251 3.96 -18.46 30.80
CA ILE B 251 3.37 -19.52 31.61
C ILE B 251 4.43 -20.34 32.30
N ALA B 252 5.38 -20.82 31.53
CA ALA B 252 6.43 -21.67 32.05
C ALA B 252 7.28 -20.96 33.08
N LYS B 253 7.58 -19.68 32.84
CA LYS B 253 8.48 -18.97 33.72
C LYS B 253 7.75 -18.38 34.93
N VAL B 254 6.46 -18.15 34.83
CA VAL B 254 5.68 -17.81 36.01
C VAL B 254 5.61 -19.05 36.91
N LYS B 255 5.44 -20.24 36.32
CA LYS B 255 5.53 -21.52 37.05
C LYS B 255 6.82 -21.68 37.83
N SER B 256 7.94 -21.50 37.14
CA SER B 256 9.27 -21.66 37.76
C SER B 256 9.62 -20.50 38.70
N GLY B 257 8.90 -19.38 38.58
CA GLY B 257 9.13 -18.22 39.43
C GLY B 257 10.17 -17.26 38.89
N GLU B 258 10.74 -17.55 37.70
CA GLU B 258 11.71 -16.65 37.06
C GLU B 258 11.04 -15.35 36.56
N SER B 259 9.82 -15.45 36.08
CA SER B 259 8.99 -14.29 35.75
C SER B 259 8.20 -13.88 36.98
N LYS B 260 8.38 -12.63 37.40
CA LYS B 260 7.70 -12.06 38.55
C LYS B 260 6.31 -11.59 38.18
N SER B 261 6.02 -11.40 36.90
CA SER B 261 4.75 -10.79 36.48
C SER B 261 3.58 -11.80 36.43
N LYS B 262 3.32 -12.41 37.59
CA LYS B 262 2.39 -13.54 37.68
C LYS B 262 0.94 -13.13 37.42
N ASN B 263 0.61 -11.84 37.53
CA ASN B 263 -0.73 -11.34 37.23
C ASN B 263 -0.74 -10.63 35.88
N TRP B 264 -1.11 -11.37 34.84
CA TRP B 264 -0.99 -10.87 33.47
C TRP B 264 -2.19 -11.30 32.63
N GLY B 265 -2.43 -10.58 31.54
CA GLY B 265 -3.44 -10.91 30.56
C GLY B 265 -2.93 -10.69 29.15
N ILE B 266 -3.74 -11.05 28.18
CA ILE B 266 -3.46 -10.65 26.80
C ILE B 266 -4.69 -10.01 26.22
N VAL B 267 -4.44 -9.19 25.22
CA VAL B 267 -5.48 -8.65 24.36
C VAL B 267 -5.06 -8.70 22.90
N LYS B 268 -6.03 -8.40 22.04
CA LYS B 268 -5.85 -8.41 20.61
C LYS B 268 -4.89 -7.32 20.22
N PHE B 269 -4.13 -7.56 19.17
CA PHE B 269 -3.31 -6.52 18.61
C PHE B 269 -4.16 -5.27 18.40
N PRO B 270 -3.70 -4.13 18.95
CA PRO B 270 -4.34 -2.88 18.60
C PRO B 270 -4.38 -2.63 17.13
N HIS B 271 -5.36 -1.82 16.74
CA HIS B 271 -5.68 -1.59 15.35
C HIS B 271 -5.50 -0.14 15.01
N PRO B 272 -5.05 0.14 13.77
CA PRO B 272 -5.10 1.52 13.34
C PRO B 272 -6.56 1.98 13.21
N ASP B 273 -6.76 3.28 13.17
CA ASP B 273 -8.06 3.86 12.75
C ASP B 273 -8.71 3.22 11.52
N GLY B 274 -9.96 2.83 11.67
CA GLY B 274 -10.79 2.42 10.56
C GLY B 274 -10.49 0.99 10.17
N VAL B 275 -9.93 0.22 11.10
CA VAL B 275 -9.56 -1.15 10.81
C VAL B 275 -10.14 -2.05 11.90
N PRO B 276 -10.69 -3.21 11.51
CA PRO B 276 -11.32 -4.08 12.52
C PRO B 276 -10.39 -4.65 13.60
N ALA B 277 -10.82 -4.54 14.84
CA ALA B 277 -10.11 -5.15 15.94
C ALA B 277 -9.79 -6.61 15.65
N GLY B 278 -8.65 -7.06 16.16
CA GLY B 278 -8.21 -8.44 15.96
C GLY B 278 -7.58 -8.68 14.60
N THR B 279 -7.34 -7.62 13.82
CA THR B 279 -6.52 -7.73 12.62
C THR B 279 -5.06 -7.77 13.07
N THR B 280 -4.32 -8.79 12.63
CA THR B 280 -2.96 -9.01 13.12
C THR B 280 -2.03 -9.49 12.03
N ALA B 281 -0.77 -9.71 12.39
CA ALA B 281 0.24 -10.25 11.47
C ALA B 281 0.65 -11.63 11.97
N ALA B 282 1.07 -12.52 11.05
CA ALA B 282 1.39 -13.89 11.43
C ALA B 282 2.59 -14.50 10.71
N GLN B 283 3.15 -15.53 11.34
CA GLN B 283 4.17 -16.37 10.77
C GLN B 283 3.50 -17.74 10.64
N ILE B 284 4.01 -18.55 9.71
CA ILE B 284 3.46 -19.92 9.50
C ILE B 284 4.56 -20.96 9.37
N SER B 285 4.20 -22.19 9.69
CA SER B 285 4.91 -23.35 9.21
C SER B 285 3.84 -24.23 8.53
N GLY B 286 4.25 -24.91 7.47
CA GLY B 286 3.34 -25.67 6.66
C GLY B 286 3.86 -27.07 6.37
N LEU B 287 2.95 -27.90 5.87
CA LEU B 287 3.34 -29.14 5.30
C LEU B 287 3.01 -29.12 3.81
N ALA B 288 3.75 -29.93 3.08
CA ALA B 288 3.61 -30.04 1.62
C ALA B 288 3.97 -31.48 1.16
N VAL B 289 3.76 -31.75 -0.11
CA VAL B 289 4.09 -33.05 -0.69
C VAL B 289 5.15 -32.81 -1.77
N ASN B 290 6.24 -33.55 -1.69
CA ASN B 290 7.23 -33.59 -2.77
C ASN B 290 6.56 -33.83 -4.11
N SER B 291 6.83 -32.96 -5.08
CA SER B 291 6.35 -33.14 -6.47
C SER B 291 6.55 -34.56 -6.98
N ASN B 292 7.66 -35.17 -6.60
CA ASN B 292 8.06 -36.51 -7.06
C ASN B 292 7.84 -37.67 -6.07
N SER B 293 7.05 -37.40 -5.02
CA SER B 293 6.63 -38.47 -4.11
C SER B 293 5.88 -39.57 -4.88
N GLN B 294 6.20 -40.79 -4.51
CA GLN B 294 5.53 -41.98 -5.02
C GLN B 294 4.33 -42.36 -4.16
N HIS B 295 4.06 -41.62 -3.09
CA HIS B 295 2.93 -41.93 -2.19
C HIS B 295 2.10 -40.70 -1.96
N LYS B 296 1.68 -40.04 -3.05
CA LYS B 296 1.05 -38.74 -2.92
C LYS B 296 -0.25 -38.79 -2.14
N ASP B 297 -1.11 -39.74 -2.44
CA ASP B 297 -2.40 -39.73 -1.77
C ASP B 297 -2.24 -39.94 -0.26
N ALA B 298 -1.35 -40.85 0.13
CA ALA B 298 -1.15 -41.11 1.54
C ALA B 298 -0.50 -39.87 2.22
N ALA B 299 0.48 -39.26 1.56
CA ALA B 299 1.08 -38.03 2.09
C ALA B 299 0.04 -36.90 2.27
N LEU B 300 -0.81 -36.70 1.27
CA LEU B 300 -1.92 -35.79 1.32
C LEU B 300 -2.90 -35.99 2.48
N ASP B 301 -3.27 -37.24 2.74
CA ASP B 301 -4.15 -37.53 3.85
C ASP B 301 -3.49 -37.13 5.20
N PHE B 302 -2.21 -37.43 5.34
CA PHE B 302 -1.48 -37.05 6.52
C PHE B 302 -1.42 -35.55 6.70
N ILE B 303 -1.05 -34.82 5.65
CA ILE B 303 -0.94 -33.36 5.83
C ILE B 303 -2.30 -32.71 6.08
N LYS B 304 -3.35 -33.26 5.48
CA LYS B 304 -4.70 -32.84 5.82
C LYS B 304 -5.01 -32.97 7.33
N PHE B 305 -4.69 -34.13 7.92
CA PHE B 305 -4.96 -34.40 9.31
C PHE B 305 -4.16 -33.38 10.17
N VAL B 306 -2.90 -33.22 9.83
CA VAL B 306 -2.02 -32.38 10.64
C VAL B 306 -2.51 -30.93 10.64
N ALA B 307 -2.96 -30.41 9.50
CA ALA B 307 -3.42 -29.02 9.42
C ALA B 307 -4.85 -28.79 9.87
N GLY B 308 -5.61 -29.86 10.07
CA GLY B 308 -7.02 -29.73 10.33
C GLY B 308 -7.25 -29.90 11.83
N PRO B 309 -8.53 -29.93 12.23
CA PRO B 309 -8.91 -29.90 13.65
C PRO B 309 -8.19 -30.85 14.57
N GLU B 310 -8.01 -32.12 14.16
CA GLU B 310 -7.41 -33.12 15.04
C GLU B 310 -5.92 -32.88 15.21
N GLY B 311 -5.26 -32.51 14.12
CA GLY B 311 -3.88 -32.07 14.19
C GLY B 311 -3.68 -30.81 15.04
N ALA B 312 -4.55 -29.85 14.86
CA ALA B 312 -4.51 -28.59 15.59
C ALA B 312 -4.67 -28.86 17.08
N ALA B 313 -5.55 -29.78 17.42
CA ALA B 313 -5.70 -30.18 18.81
C ALA B 313 -4.39 -30.70 19.40
N VAL B 314 -3.66 -31.50 18.62
CA VAL B 314 -2.43 -32.09 19.07
C VAL B 314 -1.35 -31.02 19.16
N VAL B 315 -1.30 -30.14 18.16
CA VAL B 315 -0.29 -29.06 18.15
C VAL B 315 -0.50 -28.10 19.35
N ALA B 316 -1.73 -27.59 19.49
CA ALA B 316 -2.16 -26.81 20.66
C ALA B 316 -1.82 -27.45 22.00
N ALA B 317 -1.98 -28.76 22.11
CA ALA B 317 -1.66 -29.49 23.34
C ALA B 317 -0.18 -29.49 23.71
N THR B 318 0.73 -29.37 22.75
CA THR B 318 2.16 -29.14 23.04
C THR B 318 2.52 -27.67 23.40
N GLY B 319 1.54 -26.77 23.43
CA GLY B 319 1.77 -25.34 23.71
C GLY B 319 2.20 -24.53 22.49
N THR B 320 1.97 -25.07 21.30
CA THR B 320 2.29 -24.41 20.05
C THR B 320 0.99 -23.94 19.43
N PHE B 321 0.94 -22.71 19.00
CA PHE B 321 -0.25 -22.21 18.35
C PHE B 321 -0.42 -22.84 16.96
N PRO B 322 -1.59 -23.48 16.72
CA PRO B 322 -1.79 -24.03 15.38
C PRO B 322 -2.26 -22.99 14.39
N ALA B 323 -2.29 -23.38 13.10
CA ALA B 323 -2.77 -22.52 12.05
C ALA B 323 -4.25 -22.29 12.15
N LEU B 324 -5.02 -23.33 12.53
CA LEU B 324 -6.45 -23.16 12.81
C LEU B 324 -6.65 -22.31 14.06
N LYS B 325 -7.54 -21.32 13.91
CA LYS B 325 -8.08 -20.51 14.99
C LYS B 325 -9.58 -20.81 15.09
N THR B 326 -9.94 -21.56 16.13
CA THR B 326 -11.31 -21.99 16.32
C THR B 326 -11.68 -22.08 17.79
N ALA B 327 -12.97 -22.23 18.04
CA ALA B 327 -13.50 -22.45 19.37
C ALA B 327 -12.82 -23.65 20.04
N ASP B 328 -12.65 -24.75 19.30
CA ASP B 328 -12.00 -25.92 19.89
C ASP B 328 -10.52 -25.67 20.23
N VAL B 329 -9.82 -24.92 19.38
CA VAL B 329 -8.40 -24.63 19.63
C VAL B 329 -8.23 -23.67 20.85
N SER B 330 -9.02 -22.61 20.86
CA SER B 330 -9.06 -21.67 22.02
C SER B 330 -9.26 -22.38 23.36
N ALA B 331 -10.27 -23.23 23.41
CA ALA B 331 -10.55 -24.04 24.60
C ALA B 331 -9.33 -24.85 25.07
N LYS B 332 -8.60 -25.45 24.13
CA LYS B 332 -7.38 -26.23 24.46
C LYS B 332 -6.23 -25.35 25.00
N ILE B 333 -6.03 -24.19 24.38
CA ILE B 333 -4.98 -23.25 24.83
C ILE B 333 -5.37 -22.64 26.22
N ALA B 334 -6.60 -22.15 26.33
CA ALA B 334 -7.07 -21.51 27.57
C ALA B 334 -7.22 -22.48 28.74
N SER B 335 -7.21 -23.77 28.46
CA SER B 335 -7.25 -24.80 29.50
C SER B 335 -5.87 -25.04 30.10
N THR B 336 -4.81 -24.56 29.44
CA THR B 336 -3.48 -24.75 29.99
C THR B 336 -3.43 -24.05 31.35
N PRO B 337 -3.00 -24.79 32.40
CA PRO B 337 -2.72 -24.15 33.68
C PRO B 337 -1.74 -23.01 33.51
N GLY B 338 -2.11 -21.82 33.99
CA GLY B 338 -1.26 -20.64 33.95
C GLY B 338 -1.72 -19.60 32.95
N PHE B 339 -2.64 -20.01 32.07
CA PHE B 339 -3.20 -19.11 31.07
C PHE B 339 -4.19 -18.21 31.76
N PRO B 340 -4.20 -16.92 31.39
CA PRO B 340 -5.13 -15.94 31.93
C PRO B 340 -6.57 -16.34 31.77
N GLN B 341 -7.25 -16.44 32.90
CA GLN B 341 -8.59 -16.96 32.90
C GLN B 341 -9.64 -15.87 32.67
N ASP B 342 -9.23 -14.62 32.45
CA ASP B 342 -10.21 -13.58 32.10
C ASP B 342 -10.83 -13.78 30.73
N GLU B 343 -12.03 -13.24 30.55
CA GLU B 343 -12.80 -13.44 29.32
C GLU B 343 -12.05 -12.88 28.13
N ALA B 344 -11.52 -11.67 28.27
CA ALA B 344 -10.85 -10.99 27.15
C ALA B 344 -9.58 -11.74 26.69
N SER B 345 -8.83 -12.33 27.63
CA SER B 345 -7.66 -13.09 27.26
C SER B 345 -8.04 -14.21 26.31
N LYS B 346 -9.12 -14.93 26.64
CA LYS B 346 -9.59 -16.03 25.78
C LYS B 346 -10.01 -15.52 24.42
N GLU B 347 -10.79 -14.44 24.39
CA GLU B 347 -11.28 -13.84 23.14
C GLU B 347 -10.15 -13.48 22.17
N ALA B 348 -8.99 -13.10 22.73
CA ALA B 348 -7.84 -12.66 21.93
C ALA B 348 -7.22 -13.79 21.09
N LEU B 349 -7.60 -15.03 21.37
CA LEU B 349 -7.03 -16.17 20.66
C LEU B 349 -7.50 -16.28 19.21
N ILE B 350 -8.59 -15.60 18.85
CA ILE B 350 -9.10 -15.68 17.48
C ILE B 350 -9.13 -14.33 16.76
N PRO B 351 -8.07 -14.05 15.99
CA PRO B 351 -8.06 -12.82 15.20
C PRO B 351 -9.16 -12.83 14.16
N ALA B 352 -9.60 -11.64 13.82
CA ALA B 352 -10.53 -11.43 12.74
C ALA B 352 -9.84 -11.67 11.41
N LYS B 353 -8.53 -11.47 11.34
CA LYS B 353 -7.78 -11.62 10.09
C LYS B 353 -6.27 -11.55 10.32
N ALA B 354 -5.51 -12.31 9.54
CA ALA B 354 -4.04 -12.32 9.64
C ALA B 354 -3.33 -12.03 8.30
N TYR B 355 -2.38 -11.11 8.32
CA TYR B 355 -1.52 -10.87 7.15
C TYR B 355 -0.18 -11.47 7.48
N LEU B 356 0.50 -12.05 6.50
CA LEU B 356 1.86 -12.56 6.73
C LEU B 356 2.78 -11.39 7.08
N GLU B 357 3.76 -11.58 7.97
CA GLU B 357 4.67 -10.49 8.34
C GLU B 357 5.48 -10.09 7.14
N MET B 358 5.86 -11.11 6.37
CA MET B 358 6.51 -10.97 5.07
C MET B 358 5.73 -11.75 4.02
N ALA B 359 5.02 -11.00 3.20
CA ALA B 359 4.29 -11.58 2.10
C ALA B 359 5.25 -12.28 1.16
N VAL B 360 4.66 -13.18 0.38
CA VAL B 360 5.43 -13.91 -0.63
C VAL B 360 6.16 -12.92 -1.51
N ASN B 361 7.44 -13.15 -1.69
CA ASN B 361 8.26 -12.37 -2.61
C ASN B 361 9.51 -13.17 -2.96
N PRO B 362 9.92 -13.15 -4.24
CA PRO B 362 11.11 -13.93 -4.63
C PRO B 362 12.41 -13.51 -3.98
N ASN B 363 12.48 -12.30 -3.43
CA ASN B 363 13.70 -11.77 -2.82
C ASN B 363 13.50 -11.37 -1.34
N ALA B 364 12.58 -12.01 -0.64
CA ALA B 364 12.34 -11.71 0.78
C ALA B 364 13.64 -11.54 1.59
N ALA B 365 14.57 -12.47 1.47
CA ALA B 365 15.79 -12.43 2.29
C ALA B 365 16.66 -11.19 2.08
N LYS B 366 16.84 -10.78 0.82
CA LYS B 366 17.60 -9.54 0.54
C LYS B 366 16.84 -8.26 0.97
N ILE B 367 15.51 -8.32 0.89
CA ILE B 367 14.66 -7.27 1.34
C ILE B 367 14.82 -7.07 2.84
N GLU B 368 14.83 -8.17 3.60
CA GLU B 368 15.04 -8.12 5.05
C GLU B 368 16.30 -7.37 5.39
N VAL B 369 17.38 -7.67 4.68
CA VAL B 369 18.65 -7.00 4.94
C VAL B 369 18.51 -5.48 4.85
N VAL B 370 17.92 -5.03 3.75
CA VAL B 370 17.68 -3.60 3.51
C VAL B 370 16.81 -3.00 4.61
N LEU B 371 15.69 -3.65 4.93
CA LEU B 371 14.79 -3.08 5.90
C LEU B 371 15.38 -3.06 7.29
N ASN B 372 16.08 -4.14 7.67
CA ASN B 372 16.68 -4.22 8.99
C ASN B 372 17.79 -3.16 9.18
N ARG B 373 18.63 -2.95 8.17
CA ARG B 373 19.71 -1.97 8.29
C ARG B 373 19.17 -0.56 8.48
N ALA B 374 18.19 -0.23 7.64
CA ALA B 374 17.53 1.07 7.72
C ALA B 374 16.77 1.26 9.03
N HIS B 375 16.02 0.24 9.46
CA HIS B 375 15.33 0.29 10.73
C HIS B 375 16.33 0.64 11.82
N ASP B 376 17.50 -0.01 11.81
CA ASP B 376 18.43 0.11 12.93
C ASP B 376 18.98 1.54 12.94
N ALA B 377 19.28 2.06 11.76
CA ALA B 377 19.77 3.44 11.65
C ALA B 377 18.75 4.50 12.10
N ILE B 378 17.47 4.32 11.74
CA ILE B 378 16.42 5.22 12.21
C ILE B 378 16.29 5.19 13.74
N MET B 379 16.15 4.01 14.35
CA MET B 379 15.89 3.91 15.79
C MET B 379 17.04 4.41 16.67
N THR B 380 18.25 4.44 16.13
CA THR B 380 19.43 4.93 16.85
C THR B 380 19.75 6.40 16.52
N ASP B 381 18.94 7.00 15.65
CA ASP B 381 19.11 8.38 15.17
C ASP B 381 20.39 8.57 14.39
N ASN B 382 20.87 7.52 13.73
CA ASN B 382 21.91 7.71 12.72
C ASN B 382 21.36 8.21 11.38
N THR B 383 20.04 8.15 11.20
CA THR B 383 19.41 8.67 9.98
C THR B 383 18.05 9.15 10.34
N SER B 384 17.54 10.13 9.59
CA SER B 384 16.20 10.65 9.83
C SER B 384 15.17 9.63 9.36
N VAL B 385 13.95 9.77 9.85
CA VAL B 385 12.86 8.90 9.40
C VAL B 385 12.76 9.05 7.89
N ASP B 386 12.78 10.27 7.37
CA ASP B 386 12.64 10.48 5.94
C ASP B 386 13.75 9.79 5.15
N ASP B 387 14.99 9.93 5.61
CA ASP B 387 16.11 9.36 4.89
C ASP B 387 16.11 7.84 5.00
N GLY B 388 15.75 7.32 6.17
CA GLY B 388 15.73 5.87 6.35
C GLY B 388 14.68 5.21 5.49
N LEU B 389 13.50 5.83 5.41
CA LEU B 389 12.44 5.30 4.56
C LEU B 389 12.87 5.35 3.11
N LYS B 390 13.56 6.41 2.72
CA LYS B 390 14.00 6.53 1.33
C LYS B 390 15.01 5.45 1.07
N GLU B 391 15.85 5.20 2.07
CA GLU B 391 16.85 4.13 1.98
C GLU B 391 16.20 2.76 1.70
N MET B 392 15.09 2.48 2.39
CA MET B 392 14.30 1.25 2.20
C MET B 392 13.78 1.21 0.76
N THR B 393 13.12 2.29 0.37
CA THR B 393 12.54 2.39 -0.98
C THR B 393 13.58 2.18 -2.06
N GLU B 394 14.71 2.88 -1.99
CA GLU B 394 15.76 2.74 -3.00
C GLU B 394 16.38 1.37 -2.94
N GLY B 395 16.63 0.87 -1.73
CA GLY B 395 17.32 -0.40 -1.58
C GLY B 395 16.53 -1.57 -2.14
N VAL B 396 15.22 -1.56 -1.91
CA VAL B 396 14.36 -2.62 -2.40
C VAL B 396 14.17 -2.48 -3.92
N LYS B 397 14.00 -1.25 -4.41
CA LYS B 397 13.93 -1.02 -5.87
C LYS B 397 15.18 -1.56 -6.59
N ALA B 398 16.35 -1.43 -5.95
CA ALA B 398 17.64 -1.89 -6.50
C ALA B 398 17.77 -3.42 -6.58
N ILE B 399 16.97 -4.14 -5.79
CA ILE B 399 16.96 -5.61 -5.79
C ILE B 399 16.32 -6.08 -7.08
N LYS B 400 15.08 -5.65 -7.31
CA LYS B 400 14.27 -6.12 -8.42
C LYS B 400 15.05 -5.99 -9.73
CL CL C . -10.27 17.09 -11.47
CL CL D . 13.06 22.25 -2.55
C ACT E . -3.96 4.99 15.28
O ACT E . -4.32 4.71 16.43
OXT ACT E . -4.20 4.24 14.32
CH3 ACT E . -3.28 6.31 15.03
#